data_3E5P
#
_entry.id   3E5P
#
_cell.length_a   94.634
_cell.length_b   156.516
_cell.length_c   147.878
_cell.angle_alpha   90.00
_cell.angle_beta   90.00
_cell.angle_gamma   90.00
#
_symmetry.space_group_name_H-M   'C 2 2 21'
#
loop_
_entity.id
_entity.type
_entity.pdbx_description
1 polymer 'Alanine racemase'
2 non-polymer "PYRIDOXAL-5'-PHOSPHATE"
3 non-polymer 'PROPANOIC ACID'
4 non-polymer '4-(2-HYDROXYETHYL)-1-PIPERAZINE ETHANESULFONIC ACID'
5 non-polymer 'NONAETHYLENE GLYCOL'
6 water water
#
_entity_poly.entity_id   1
_entity_poly.type   'polypeptide(L)'
_entity_poly.pdbx_seq_one_letter_code
;MVVGWHRPTRLHIDTQAITENVQKECQRLPEGTALFAVVKANGYGHGAVESAKAAKKGGATGFCVALLDEAIELREAGVQ
DPILILSVVDLAYVPLLIQYDLSVTVATQEWLEAALQQLTPESNTPLRVHLKVDTGMGRIGFLTPEETKQAVRFVQSHKE
FLWEGIFTHFSTADEIDTSYFEKQAGRFKAVLAVLEELPRYVHVSNSATALWHPDVPGNMIRYGVAMYGLNPSGNKLAPS
YALKPALRLTSELIHVKRLAAGEGIGYGETYVTEAEEWIGTVPIGYADGWLRHLQGFTVLVNGKRCEIVGRVCMDQCMIR
LAEEVPVGPVVTLVGKDGNEENTLQMVAEKLETIHYEVACTFSQRIPREYN
;
_entity_poly.pdbx_strand_id   A,B,C
#
# COMPACT_ATOMS: atom_id res chain seq x y z
N VAL A 2 8.34 -14.32 -19.24
CA VAL A 2 9.66 -14.38 -18.56
C VAL A 2 9.57 -14.28 -17.05
N VAL A 3 10.03 -15.32 -16.36
CA VAL A 3 10.03 -15.33 -14.91
C VAL A 3 11.44 -14.96 -14.41
N GLY A 4 11.55 -13.93 -13.58
CA GLY A 4 12.85 -13.51 -13.10
C GLY A 4 13.46 -14.37 -12.00
N TRP A 5 13.65 -15.66 -12.28
CA TRP A 5 14.25 -16.56 -11.30
C TRP A 5 15.64 -16.16 -10.82
N HIS A 6 16.38 -15.42 -11.65
CA HIS A 6 17.74 -15.02 -11.30
C HIS A 6 17.81 -13.69 -10.59
N ARG A 7 16.67 -13.08 -10.33
CA ARG A 7 16.66 -11.80 -9.64
C ARG A 7 16.27 -12.08 -8.20
N PRO A 8 16.99 -11.46 -7.25
CA PRO A 8 16.69 -11.67 -5.83
C PRO A 8 15.35 -11.14 -5.38
N THR A 9 14.33 -11.23 -6.24
CA THR A 9 13.01 -10.74 -5.86
C THR A 9 12.01 -11.88 -5.97
N ARG A 10 11.29 -12.10 -4.88
CA ARG A 10 10.37 -13.22 -4.82
C ARG A 10 9.02 -12.98 -4.15
N LEU A 11 8.10 -13.88 -4.46
CA LEU A 11 6.73 -13.90 -3.95
C LEU A 11 6.60 -15.24 -3.22
N HIS A 12 6.34 -15.20 -1.92
CA HIS A 12 6.20 -16.42 -1.13
C HIS A 12 4.74 -16.70 -0.80
N ILE A 13 4.21 -17.80 -1.31
CA ILE A 13 2.84 -18.18 -1.05
C ILE A 13 2.76 -19.28 0.03
N ASP A 14 2.12 -18.97 1.15
CA ASP A 14 1.98 -19.94 2.23
C ASP A 14 0.71 -20.74 2.02
N THR A 15 0.85 -21.86 1.32
CA THR A 15 -0.29 -22.71 1.00
C THR A 15 -0.97 -23.30 2.24
N GLN A 16 -0.16 -23.54 3.28
CA GLN A 16 -0.67 -24.08 4.54
C GLN A 16 -1.65 -23.05 5.09
N ALA A 17 -1.36 -21.78 4.83
CA ALA A 17 -2.21 -20.69 5.28
C ALA A 17 -3.55 -20.73 4.56
N ILE A 18 -3.51 -20.85 3.24
CA ILE A 18 -4.73 -20.92 2.45
C ILE A 18 -5.55 -22.10 3.00
N THR A 19 -4.89 -23.23 3.20
CA THR A 19 -5.54 -24.43 3.72
C THR A 19 -6.24 -24.18 5.05
N GLU A 20 -5.54 -23.55 6.01
CA GLU A 20 -6.13 -23.28 7.31
C GLU A 20 -7.32 -22.35 7.19
N ASN A 21 -7.19 -21.34 6.35
CA ASN A 21 -8.28 -20.39 6.14
C ASN A 21 -9.52 -21.12 5.64
N VAL A 22 -9.34 -22.05 4.70
CA VAL A 22 -10.48 -22.80 4.17
C VAL A 22 -11.09 -23.69 5.25
N GLN A 23 -10.23 -24.30 6.05
CA GLN A 23 -10.69 -25.16 7.14
C GLN A 23 -11.58 -24.47 8.14
N LYS A 24 -11.08 -23.41 8.77
CA LYS A 24 -11.88 -22.71 9.76
C LYS A 24 -13.23 -22.30 9.19
N GLU A 25 -13.27 -21.95 7.91
CA GLU A 25 -14.53 -21.56 7.31
C GLU A 25 -15.43 -22.79 7.29
N CYS A 26 -14.88 -23.89 6.78
CA CYS A 26 -15.62 -25.15 6.70
C CYS A 26 -16.18 -25.61 8.04
N GLN A 27 -15.51 -25.26 9.14
CA GLN A 27 -15.96 -25.68 10.46
C GLN A 27 -17.10 -24.83 11.01
N ARG A 28 -17.09 -23.54 10.70
CA ARG A 28 -18.14 -22.66 11.18
C ARG A 28 -19.30 -22.66 10.20
N LEU A 29 -19.18 -23.54 9.20
CA LEU A 29 -20.20 -23.68 8.18
C LEU A 29 -21.14 -24.81 8.60
N PRO A 30 -22.42 -24.74 8.19
CA PRO A 30 -23.42 -25.76 8.52
C PRO A 30 -22.97 -27.18 8.14
N GLU A 31 -21.78 -27.27 7.54
CA GLU A 31 -21.19 -28.54 7.12
C GLU A 31 -21.94 -29.16 5.92
N GLY A 32 -23.25 -29.30 6.06
CA GLY A 32 -24.05 -29.81 4.95
C GLY A 32 -23.83 -28.93 3.73
N THR A 33 -23.58 -27.65 4.03
CA THR A 33 -23.32 -26.65 3.01
C THR A 33 -21.89 -26.83 2.52
N ALA A 34 -21.71 -26.77 1.20
CA ALA A 34 -20.39 -26.95 0.61
C ALA A 34 -19.65 -25.64 0.36
N LEU A 35 -18.33 -25.75 0.32
CA LEU A 35 -17.44 -24.62 0.12
C LEU A 35 -16.77 -24.77 -1.25
N PHE A 36 -17.03 -23.82 -2.14
CA PHE A 36 -16.39 -23.82 -3.44
C PHE A 36 -15.32 -22.75 -3.35
N ALA A 37 -14.11 -23.09 -3.77
CA ALA A 37 -13.00 -22.15 -3.73
C ALA A 37 -12.86 -21.42 -5.06
N VAL A 38 -13.14 -20.12 -5.07
CA VAL A 38 -13.01 -19.36 -6.31
C VAL A 38 -11.55 -18.95 -6.46
N VAL A 39 -10.91 -19.46 -7.50
CA VAL A 39 -9.49 -19.18 -7.77
C VAL A 39 -9.23 -18.57 -9.15
N LYS A 40 -10.06 -17.63 -9.60
CA LYS A 40 -9.81 -17.05 -10.91
C LYS A 40 -8.64 -16.10 -10.81
N ALA A 41 -8.34 -15.42 -11.92
CA ALA A 41 -7.23 -14.48 -11.95
C ALA A 41 -5.98 -15.14 -11.38
N ASN A 42 -5.76 -16.40 -11.74
CA ASN A 42 -4.59 -17.15 -11.28
C ASN A 42 -4.47 -17.21 -9.76
N GLY A 43 -5.55 -17.63 -9.10
CA GLY A 43 -5.57 -17.71 -7.65
C GLY A 43 -5.36 -16.34 -7.01
N TYR A 44 -6.01 -15.31 -7.57
CA TYR A 44 -5.88 -13.95 -7.07
C TYR A 44 -4.43 -13.50 -6.98
N GLY A 45 -3.63 -13.90 -7.97
CA GLY A 45 -2.23 -13.53 -7.98
C GLY A 45 -1.28 -14.53 -7.34
N HIS A 46 -1.84 -15.44 -6.54
CA HIS A 46 -1.06 -16.47 -5.83
C HIS A 46 -0.78 -17.75 -6.62
N GLY A 47 -1.54 -17.99 -7.70
CA GLY A 47 -1.36 -19.21 -8.48
C GLY A 47 -2.59 -20.08 -8.35
N ALA A 48 -3.35 -20.20 -9.43
CA ALA A 48 -4.60 -20.97 -9.42
C ALA A 48 -4.50 -22.43 -8.97
N VAL A 49 -3.63 -23.21 -9.60
CA VAL A 49 -3.47 -24.62 -9.25
C VAL A 49 -3.03 -24.85 -7.81
N GLU A 50 -1.87 -24.32 -7.44
CA GLU A 50 -1.37 -24.48 -6.08
C GLU A 50 -2.36 -24.01 -5.01
N SER A 51 -3.23 -23.06 -5.37
CA SER A 51 -4.27 -22.54 -4.47
C SER A 51 -5.42 -23.54 -4.36
N ALA A 52 -5.87 -24.04 -5.50
CA ALA A 52 -6.96 -25.01 -5.55
C ALA A 52 -6.59 -26.23 -4.71
N LYS A 53 -5.42 -26.79 -5.01
CA LYS A 53 -4.90 -27.95 -4.30
C LYS A 53 -4.88 -27.69 -2.79
N ALA A 54 -4.45 -26.49 -2.41
CA ALA A 54 -4.38 -26.13 -1.00
C ALA A 54 -5.75 -26.03 -0.38
N ALA A 55 -6.71 -25.53 -1.15
CA ALA A 55 -8.08 -25.38 -0.69
C ALA A 55 -8.78 -26.73 -0.59
N LYS A 56 -8.37 -27.70 -1.40
CA LYS A 56 -9.00 -29.02 -1.32
C LYS A 56 -8.58 -29.69 -0.03
N LYS A 57 -7.29 -29.60 0.30
CA LYS A 57 -6.79 -30.19 1.54
C LYS A 57 -7.54 -29.56 2.69
N GLY A 58 -7.96 -28.32 2.49
CA GLY A 58 -8.66 -27.59 3.52
C GLY A 58 -10.14 -27.86 3.63
N GLY A 59 -10.70 -28.55 2.65
CA GLY A 59 -12.12 -28.83 2.70
C GLY A 59 -12.94 -28.44 1.50
N ALA A 60 -12.36 -27.69 0.57
CA ALA A 60 -13.10 -27.27 -0.61
C ALA A 60 -13.53 -28.49 -1.41
N THR A 61 -14.78 -28.49 -1.86
CA THR A 61 -15.29 -29.62 -2.66
C THR A 61 -15.79 -29.16 -4.04
N GLY A 62 -15.23 -28.07 -4.55
CA GLY A 62 -15.59 -27.52 -5.84
C GLY A 62 -14.77 -26.27 -6.14
N PHE A 63 -14.74 -25.83 -7.40
CA PHE A 63 -13.95 -24.65 -7.77
C PHE A 63 -14.64 -23.64 -8.68
N CYS A 64 -14.32 -22.36 -8.47
CA CYS A 64 -14.89 -21.28 -9.28
C CYS A 64 -13.81 -20.51 -10.03
N VAL A 65 -14.00 -20.44 -11.33
CA VAL A 65 -13.09 -19.79 -12.22
C VAL A 65 -13.86 -18.72 -12.98
N ALA A 66 -13.15 -17.81 -13.65
CA ALA A 66 -13.82 -16.76 -14.41
C ALA A 66 -13.76 -17.03 -15.91
N LEU A 67 -12.67 -17.66 -16.35
CA LEU A 67 -12.50 -17.94 -17.76
C LEU A 67 -12.47 -19.44 -18.12
N LEU A 68 -13.02 -19.74 -19.30
CA LEU A 68 -13.01 -21.10 -19.80
C LEU A 68 -11.56 -21.60 -19.80
N ASP A 69 -10.65 -20.74 -20.25
CA ASP A 69 -9.22 -21.06 -20.29
C ASP A 69 -8.71 -21.47 -18.91
N GLU A 70 -9.16 -20.74 -17.90
CA GLU A 70 -8.75 -21.03 -16.53
C GLU A 70 -9.26 -22.40 -16.11
N ALA A 71 -10.52 -22.70 -16.41
CA ALA A 71 -11.10 -24.00 -16.06
C ALA A 71 -10.31 -25.14 -16.70
N ILE A 72 -9.84 -24.93 -17.93
CA ILE A 72 -9.07 -25.95 -18.62
C ILE A 72 -7.69 -26.13 -17.99
N GLU A 73 -7.16 -25.08 -17.40
CA GLU A 73 -5.86 -25.17 -16.74
C GLU A 73 -6.04 -26.14 -15.59
N LEU A 74 -7.13 -25.96 -14.85
CA LEU A 74 -7.43 -26.80 -13.70
C LEU A 74 -7.57 -28.28 -14.08
N ARG A 75 -8.39 -28.55 -15.09
CA ARG A 75 -8.58 -29.91 -15.55
C ARG A 75 -7.27 -30.53 -15.98
N GLU A 76 -6.57 -29.87 -16.90
CA GLU A 76 -5.31 -30.39 -17.37
C GLU A 76 -4.30 -30.55 -16.24
N ALA A 77 -4.64 -30.05 -15.06
CA ALA A 77 -3.75 -30.15 -13.92
C ALA A 77 -4.13 -31.30 -13.00
N GLY A 78 -5.19 -32.02 -13.37
CA GLY A 78 -5.61 -33.14 -12.56
C GLY A 78 -6.81 -32.96 -11.66
N VAL A 79 -7.41 -31.77 -11.67
CA VAL A 79 -8.57 -31.50 -10.82
C VAL A 79 -9.81 -32.10 -11.43
N GLN A 80 -10.41 -33.08 -10.73
CA GLN A 80 -11.62 -33.76 -11.22
C GLN A 80 -12.88 -33.25 -10.53
N ASP A 81 -12.73 -32.28 -9.63
CA ASP A 81 -13.89 -31.75 -8.92
C ASP A 81 -14.65 -30.81 -9.85
N PRO A 82 -15.87 -30.41 -9.44
CA PRO A 82 -16.69 -29.51 -10.24
C PRO A 82 -16.01 -28.16 -10.39
N ILE A 83 -15.98 -27.65 -11.62
CA ILE A 83 -15.39 -26.35 -11.90
C ILE A 83 -16.47 -25.48 -12.52
N LEU A 84 -16.82 -24.40 -11.83
CA LEU A 84 -17.86 -23.50 -12.33
C LEU A 84 -17.27 -22.27 -12.98
N ILE A 85 -17.64 -22.02 -14.23
CA ILE A 85 -17.18 -20.82 -14.93
C ILE A 85 -18.23 -19.78 -14.56
N LEU A 86 -17.79 -18.75 -13.84
CA LEU A 86 -18.69 -17.70 -13.38
C LEU A 86 -19.17 -16.70 -14.42
N SER A 87 -18.56 -16.69 -15.60
CA SER A 87 -18.97 -15.76 -16.64
C SER A 87 -19.75 -16.50 -17.72
N VAL A 88 -20.24 -15.77 -18.73
CA VAL A 88 -20.95 -16.44 -19.82
C VAL A 88 -19.88 -16.90 -20.81
N VAL A 89 -20.03 -18.13 -21.30
CA VAL A 89 -19.08 -18.70 -22.25
C VAL A 89 -19.66 -18.65 -23.66
N ASP A 90 -18.91 -18.05 -24.59
CA ASP A 90 -19.36 -17.94 -25.96
C ASP A 90 -19.86 -19.28 -26.46
N LEU A 91 -21.03 -19.26 -27.10
CA LEU A 91 -21.66 -20.47 -27.63
C LEU A 91 -20.71 -21.42 -28.37
N ALA A 92 -19.86 -20.87 -29.23
CA ALA A 92 -18.94 -21.68 -30.00
C ALA A 92 -18.01 -22.61 -29.20
N TYR A 93 -17.97 -22.44 -27.88
CA TYR A 93 -17.11 -23.28 -27.04
C TYR A 93 -17.86 -24.28 -26.18
N VAL A 94 -19.13 -24.48 -26.50
CA VAL A 94 -19.97 -25.44 -25.77
C VAL A 94 -19.36 -26.85 -25.79
N PRO A 95 -18.81 -27.26 -26.93
CA PRO A 95 -18.21 -28.59 -27.02
C PRO A 95 -17.13 -28.79 -25.99
N LEU A 96 -16.36 -27.73 -25.75
CA LEU A 96 -15.29 -27.82 -24.77
C LEU A 96 -15.82 -27.99 -23.36
N LEU A 97 -16.89 -27.25 -23.03
CA LEU A 97 -17.50 -27.39 -21.71
C LEU A 97 -17.78 -28.88 -21.54
N ILE A 98 -18.46 -29.44 -22.54
CA ILE A 98 -18.81 -30.84 -22.58
C ILE A 98 -17.56 -31.72 -22.44
N GLN A 99 -16.55 -31.43 -23.24
CA GLN A 99 -15.30 -32.20 -23.22
C GLN A 99 -14.73 -32.30 -21.81
N TYR A 100 -14.47 -31.16 -21.19
CA TYR A 100 -13.89 -31.13 -19.85
C TYR A 100 -14.96 -31.17 -18.76
N ASP A 101 -16.20 -31.40 -19.17
CA ASP A 101 -17.31 -31.45 -18.23
C ASP A 101 -17.19 -30.29 -17.26
N LEU A 102 -17.45 -29.10 -17.75
CA LEU A 102 -17.35 -27.91 -16.93
C LEU A 102 -18.73 -27.34 -16.71
N SER A 103 -18.98 -26.79 -15.54
CA SER A 103 -20.28 -26.19 -15.27
C SER A 103 -20.24 -24.78 -15.84
N VAL A 104 -21.35 -24.32 -16.37
CA VAL A 104 -21.38 -23.00 -16.97
C VAL A 104 -22.51 -22.13 -16.46
N THR A 105 -22.23 -20.84 -16.40
CA THR A 105 -23.20 -19.86 -15.97
C THR A 105 -24.03 -19.56 -17.20
N VAL A 106 -25.32 -19.30 -17.00
CA VAL A 106 -26.22 -18.94 -18.09
C VAL A 106 -27.04 -17.75 -17.60
N ALA A 107 -26.95 -16.62 -18.30
CA ALA A 107 -27.65 -15.42 -17.88
C ALA A 107 -28.77 -14.96 -18.81
N THR A 108 -29.02 -15.70 -19.88
CA THR A 108 -30.07 -15.33 -20.83
C THR A 108 -30.78 -16.55 -21.38
N GLN A 109 -31.99 -16.34 -21.88
CA GLN A 109 -32.80 -17.43 -22.44
C GLN A 109 -32.23 -17.93 -23.77
N GLU A 110 -32.01 -16.99 -24.70
CA GLU A 110 -31.48 -17.32 -26.01
C GLU A 110 -30.24 -18.21 -26.01
N TRP A 111 -29.33 -18.00 -25.06
CA TRP A 111 -28.13 -18.79 -24.98
C TRP A 111 -28.50 -20.27 -24.84
N LEU A 112 -29.48 -20.54 -23.99
CA LEU A 112 -29.96 -21.89 -23.75
C LEU A 112 -30.61 -22.55 -24.97
N GLU A 113 -31.45 -21.78 -25.66
CA GLU A 113 -32.15 -22.30 -26.83
C GLU A 113 -31.16 -22.63 -27.93
N ALA A 114 -30.17 -21.76 -28.10
CA ALA A 114 -29.16 -21.94 -29.13
C ALA A 114 -28.19 -23.09 -28.80
N ALA A 115 -27.75 -23.14 -27.55
CA ALA A 115 -26.82 -24.18 -27.13
C ALA A 115 -27.41 -25.58 -27.29
N LEU A 116 -28.74 -25.67 -27.20
CA LEU A 116 -29.44 -26.94 -27.33
C LEU A 116 -29.11 -27.68 -28.63
N GLN A 117 -29.21 -26.97 -29.75
CA GLN A 117 -28.96 -27.54 -31.06
C GLN A 117 -27.55 -28.09 -31.16
N GLN A 118 -26.59 -27.33 -30.67
CA GLN A 118 -25.20 -27.75 -30.69
C GLN A 118 -24.94 -28.89 -29.71
N LEU A 119 -25.75 -28.96 -28.66
CA LEU A 119 -25.57 -30.00 -27.66
C LEU A 119 -25.88 -31.43 -28.05
N THR A 120 -27.16 -31.74 -28.21
CA THR A 120 -27.53 -33.02 -28.77
C THR A 120 -28.66 -32.72 -29.76
N PRO A 121 -28.95 -33.66 -30.68
CA PRO A 121 -28.05 -34.67 -31.26
C PRO A 121 -27.12 -35.82 -30.84
N GLU A 122 -27.30 -36.27 -29.60
CA GLU A 122 -26.41 -36.99 -28.68
C GLU A 122 -27.18 -37.37 -27.41
N SER A 123 -26.66 -38.38 -26.72
CA SER A 123 -27.27 -38.86 -25.49
C SER A 123 -26.15 -39.50 -24.66
N ASN A 124 -25.34 -38.66 -24.03
CA ASN A 124 -24.23 -39.14 -23.23
C ASN A 124 -24.01 -38.34 -21.94
N THR A 125 -23.43 -37.15 -22.07
CA THR A 125 -23.15 -36.30 -20.92
C THR A 125 -23.82 -34.93 -21.03
N PRO A 126 -24.68 -34.58 -20.06
CA PRO A 126 -25.40 -33.31 -20.06
C PRO A 126 -24.49 -32.10 -19.92
N LEU A 127 -25.07 -30.93 -20.12
CA LEU A 127 -24.35 -29.66 -20.02
C LEU A 127 -24.74 -29.04 -18.67
N ARG A 128 -23.88 -29.24 -17.67
CA ARG A 128 -24.08 -28.73 -16.32
C ARG A 128 -24.29 -27.22 -16.34
N VAL A 129 -25.53 -26.83 -16.09
CA VAL A 129 -25.91 -25.43 -16.10
C VAL A 129 -26.15 -24.87 -14.72
N HIS A 130 -25.74 -23.62 -14.52
CA HIS A 130 -25.97 -22.90 -13.26
C HIS A 130 -26.59 -21.59 -13.72
N LEU A 131 -27.86 -21.35 -13.39
CA LEU A 131 -28.53 -20.12 -13.78
C LEU A 131 -28.22 -19.02 -12.79
N LYS A 132 -28.08 -17.79 -13.30
CA LYS A 132 -27.77 -16.67 -12.42
C LYS A 132 -28.80 -15.57 -12.57
N VAL A 133 -29.40 -15.15 -11.46
CA VAL A 133 -30.39 -14.08 -11.48
C VAL A 133 -29.69 -12.80 -11.02
N ASP A 134 -30.07 -11.65 -11.58
CA ASP A 134 -29.45 -10.38 -11.21
C ASP A 134 -30.45 -9.64 -10.34
N THR A 135 -30.22 -9.63 -9.03
CA THR A 135 -31.08 -8.96 -8.05
C THR A 135 -30.36 -7.73 -7.47
N GLY A 136 -29.38 -7.19 -8.18
CA GLY A 136 -28.70 -6.03 -7.64
C GLY A 136 -27.34 -5.63 -8.20
N MET A 137 -26.44 -6.59 -8.36
CA MET A 137 -25.11 -6.30 -8.89
C MET A 137 -25.19 -5.41 -10.12
N GLY A 138 -26.10 -5.76 -11.03
CA GLY A 138 -26.28 -4.97 -12.24
C GLY A 138 -25.41 -5.41 -13.41
N ARG A 139 -24.80 -6.58 -13.27
CA ARG A 139 -23.95 -7.11 -14.32
C ARG A 139 -24.38 -8.12 -15.40
N ILE A 140 -24.66 -9.36 -14.99
CA ILE A 140 -25.33 -10.35 -15.83
C ILE A 140 -26.45 -11.09 -15.09
N GLY A 141 -27.24 -11.86 -15.85
CA GLY A 141 -28.32 -12.65 -15.27
C GLY A 141 -29.78 -12.27 -15.53
N PHE A 142 -30.67 -13.21 -15.24
CA PHE A 142 -32.10 -12.98 -15.40
C PHE A 142 -32.48 -12.04 -14.28
N LEU A 143 -33.19 -10.97 -14.60
CA LEU A 143 -33.56 -9.99 -13.58
C LEU A 143 -34.98 -10.01 -13.04
N THR A 144 -35.70 -11.11 -13.21
CA THR A 144 -37.08 -11.23 -12.69
C THR A 144 -37.40 -12.69 -12.35
N PRO A 145 -38.25 -12.91 -11.34
CA PRO A 145 -38.59 -14.30 -10.99
C PRO A 145 -39.41 -15.00 -12.07
N GLU A 146 -40.14 -14.22 -12.87
CA GLU A 146 -40.94 -14.77 -13.97
C GLU A 146 -39.99 -15.46 -14.94
N GLU A 147 -38.99 -14.70 -15.40
CA GLU A 147 -37.82 -15.30 -16.03
C GLU A 147 -37.12 -16.28 -15.10
N THR A 148 -36.12 -16.98 -15.63
CA THR A 148 -35.50 -18.08 -14.90
C THR A 148 -36.47 -19.25 -14.74
N LYS A 149 -37.71 -18.94 -14.39
CA LYS A 149 -38.78 -19.94 -14.39
C LYS A 149 -38.88 -20.61 -15.75
N GLN A 150 -39.02 -19.83 -16.81
CA GLN A 150 -38.88 -20.33 -18.17
C GLN A 150 -37.54 -21.01 -18.38
N ALA A 151 -36.51 -20.51 -17.71
CA ALA A 151 -35.17 -21.05 -17.84
C ALA A 151 -35.09 -22.48 -17.31
N VAL A 152 -35.35 -22.63 -16.01
CA VAL A 152 -35.30 -23.94 -15.37
C VAL A 152 -36.28 -24.86 -16.10
N ARG A 153 -37.41 -24.28 -16.48
CA ARG A 153 -38.45 -25.00 -17.20
C ARG A 153 -37.86 -25.57 -18.48
N PHE A 154 -37.14 -24.72 -19.20
CA PHE A 154 -36.52 -25.13 -20.44
C PHE A 154 -35.44 -26.16 -20.17
N VAL A 155 -34.55 -25.86 -19.24
CA VAL A 155 -33.47 -26.76 -18.90
C VAL A 155 -33.90 -28.14 -18.46
N GLN A 156 -34.87 -28.22 -17.57
CA GLN A 156 -35.35 -29.50 -17.08
C GLN A 156 -36.12 -30.31 -18.13
N SER A 157 -36.56 -29.63 -19.19
CA SER A 157 -37.29 -30.31 -20.26
C SER A 157 -36.35 -31.17 -21.11
N HIS A 158 -35.21 -30.60 -21.50
CA HIS A 158 -34.25 -31.29 -22.35
C HIS A 158 -33.13 -32.05 -21.60
N LYS A 159 -32.87 -33.27 -22.05
CA LYS A 159 -31.86 -34.13 -21.43
C LYS A 159 -30.42 -33.72 -21.79
N GLU A 160 -30.30 -32.61 -22.50
CA GLU A 160 -29.00 -32.09 -22.92
C GLU A 160 -28.32 -31.30 -21.78
N PHE A 161 -29.15 -30.70 -20.93
CA PHE A 161 -28.69 -29.89 -19.80
C PHE A 161 -28.73 -30.72 -18.52
N LEU A 162 -28.51 -30.07 -17.37
CA LEU A 162 -28.54 -30.75 -16.09
C LEU A 162 -29.03 -29.82 -14.99
N TRP A 163 -28.82 -28.52 -15.14
CA TRP A 163 -29.19 -27.56 -14.10
C TRP A 163 -28.61 -28.04 -12.77
N GLU A 164 -27.32 -27.79 -12.60
CA GLU A 164 -26.60 -28.20 -11.42
C GLU A 164 -26.78 -27.18 -10.29
N GLY A 165 -27.31 -26.01 -10.63
CA GLY A 165 -27.52 -25.01 -9.60
C GLY A 165 -28.08 -23.68 -10.06
N ILE A 166 -28.14 -22.76 -9.11
CA ILE A 166 -28.60 -21.39 -9.33
C ILE A 166 -27.98 -20.48 -8.27
N PHE A 167 -27.75 -19.22 -8.63
CA PHE A 167 -27.11 -18.29 -7.71
C PHE A 167 -27.32 -16.83 -8.07
N THR A 168 -26.73 -15.97 -7.26
CA THR A 168 -26.74 -14.54 -7.45
C THR A 168 -25.49 -14.02 -6.76
N HIS A 169 -25.18 -12.74 -6.92
CA HIS A 169 -23.98 -12.20 -6.32
C HIS A 169 -24.31 -10.90 -5.60
N PHE A 170 -23.84 -10.78 -4.35
CA PHE A 170 -24.12 -9.59 -3.57
C PHE A 170 -23.08 -8.55 -3.89
N SER A 171 -23.47 -7.28 -3.92
CA SER A 171 -22.52 -6.22 -4.24
C SER A 171 -22.05 -5.40 -3.05
N THR A 172 -22.75 -5.52 -1.92
CA THR A 172 -22.38 -4.74 -0.74
C THR A 172 -22.42 -5.55 0.54
N ALA A 173 -22.09 -6.84 0.43
CA ALA A 173 -22.07 -7.76 1.57
C ALA A 173 -21.00 -7.45 2.62
N ASP A 174 -20.23 -6.39 2.40
CA ASP A 174 -19.18 -6.02 3.35
C ASP A 174 -19.32 -4.61 3.89
N GLU A 175 -20.40 -3.94 3.51
CA GLU A 175 -20.68 -2.58 3.95
C GLU A 175 -21.33 -2.60 5.35
N ILE A 176 -20.91 -1.73 6.25
CA ILE A 176 -21.51 -1.72 7.60
C ILE A 176 -23.03 -1.64 7.47
N ASP A 177 -23.50 -0.85 6.51
CA ASP A 177 -24.92 -0.68 6.24
C ASP A 177 -25.37 -1.92 5.45
N THR A 178 -26.23 -2.72 6.04
CA THR A 178 -26.69 -3.95 5.41
C THR A 178 -27.96 -3.77 4.60
N SER A 179 -28.36 -2.52 4.43
CA SER A 179 -29.56 -2.16 3.69
C SER A 179 -29.68 -2.84 2.31
N TYR A 180 -28.89 -2.38 1.34
CA TYR A 180 -28.93 -2.92 0.00
C TYR A 180 -28.70 -4.43 -0.05
N PHE A 181 -28.05 -4.97 0.98
CA PHE A 181 -27.79 -6.40 1.03
C PHE A 181 -29.10 -7.16 1.20
N GLU A 182 -29.94 -6.68 2.11
CA GLU A 182 -31.23 -7.30 2.36
C GLU A 182 -32.11 -7.28 1.11
N LYS A 183 -32.10 -6.15 0.40
CA LYS A 183 -32.90 -6.04 -0.83
C LYS A 183 -32.55 -7.20 -1.77
N GLN A 184 -31.27 -7.33 -2.10
CA GLN A 184 -30.84 -8.40 -3.00
C GLN A 184 -31.28 -9.76 -2.49
N ALA A 185 -31.10 -9.99 -1.20
CA ALA A 185 -31.50 -11.27 -0.62
C ALA A 185 -33.00 -11.43 -0.82
N GLY A 186 -33.74 -10.33 -0.69
CA GLY A 186 -35.18 -10.40 -0.87
C GLY A 186 -35.57 -10.80 -2.28
N ARG A 187 -35.07 -10.11 -3.27
CA ARG A 187 -35.28 -10.50 -4.63
C ARG A 187 -34.86 -11.92 -5.02
N PHE A 188 -33.81 -12.44 -4.45
CA PHE A 188 -33.42 -13.75 -4.76
C PHE A 188 -34.32 -14.65 -4.05
N LYS A 189 -35.06 -14.09 -3.15
CA LYS A 189 -35.95 -14.88 -2.42
C LYS A 189 -37.14 -15.15 -3.20
N ALA A 190 -37.53 -14.18 -4.01
CA ALA A 190 -38.72 -14.26 -4.79
C ALA A 190 -39.30 -15.30 -5.65
N VAL A 191 -38.79 -15.64 -6.80
CA VAL A 191 -37.61 -16.24 -7.39
C VAL A 191 -37.23 -17.65 -7.18
N LEU A 192 -36.87 -17.95 -5.97
CA LEU A 192 -36.93 -19.29 -5.53
C LEU A 192 -38.32 -19.69 -5.23
N ALA A 193 -39.18 -18.70 -5.16
CA ALA A 193 -40.52 -18.78 -4.67
C ALA A 193 -41.42 -18.74 -5.84
N VAL A 194 -40.94 -19.41 -6.84
CA VAL A 194 -41.73 -19.78 -7.99
C VAL A 194 -41.33 -21.16 -8.49
N LEU A 195 -40.15 -21.60 -8.08
CA LEU A 195 -39.65 -22.89 -8.48
C LEU A 195 -40.18 -23.95 -7.54
N GLU A 196 -40.63 -25.07 -8.09
CA GLU A 196 -41.13 -26.14 -7.24
C GLU A 196 -39.99 -27.11 -6.95
N GLU A 197 -38.84 -26.84 -7.54
CA GLU A 197 -37.65 -27.66 -7.32
C GLU A 197 -36.40 -26.79 -7.29
N LEU A 198 -35.33 -27.35 -6.73
CA LEU A 198 -34.06 -26.66 -6.60
C LEU A 198 -32.98 -27.62 -7.06
N PRO A 199 -31.92 -27.11 -7.71
CA PRO A 199 -30.83 -27.94 -8.19
C PRO A 199 -29.91 -28.39 -7.06
N ARG A 200 -28.87 -29.14 -7.38
CA ARG A 200 -27.95 -29.60 -6.34
C ARG A 200 -27.37 -28.45 -5.55
N TYR A 201 -26.98 -27.39 -6.24
CA TYR A 201 -26.38 -26.21 -5.59
C TYR A 201 -27.21 -24.93 -5.63
N VAL A 202 -27.34 -24.28 -4.49
CA VAL A 202 -28.07 -23.02 -4.40
C VAL A 202 -27.13 -22.06 -3.66
N HIS A 203 -26.13 -21.56 -4.38
CA HIS A 203 -25.14 -20.66 -3.82
C HIS A 203 -25.52 -19.19 -3.96
N VAL A 204 -25.09 -18.39 -3.00
CA VAL A 204 -25.45 -16.99 -3.02
C VAL A 204 -24.38 -16.09 -2.41
N SER A 205 -23.56 -16.66 -1.53
CA SER A 205 -22.60 -15.84 -0.79
C SER A 205 -21.12 -15.95 -1.11
N ASN A 206 -20.43 -14.83 -0.91
CA ASN A 206 -19.00 -14.73 -1.12
C ASN A 206 -18.32 -14.58 0.24
N SER A 207 -17.03 -14.27 0.23
CA SER A 207 -16.26 -14.10 1.46
C SER A 207 -17.03 -13.24 2.46
N ALA A 208 -17.26 -12.01 2.07
CA ALA A 208 -17.96 -11.02 2.88
C ALA A 208 -19.27 -11.51 3.52
N THR A 209 -20.20 -12.01 2.70
CA THR A 209 -21.48 -12.48 3.24
C THR A 209 -21.32 -13.73 4.10
N ALA A 210 -20.39 -14.60 3.72
CA ALA A 210 -20.14 -15.81 4.51
C ALA A 210 -19.65 -15.41 5.90
N LEU A 211 -18.74 -14.43 5.93
CA LEU A 211 -18.16 -13.94 7.17
C LEU A 211 -19.12 -13.11 8.04
N TRP A 212 -20.05 -12.39 7.43
CA TRP A 212 -20.96 -11.55 8.20
C TRP A 212 -22.46 -11.80 8.04
N HIS A 213 -22.84 -12.54 7.00
CA HIS A 213 -24.23 -12.88 6.75
C HIS A 213 -24.31 -14.40 6.61
N PRO A 214 -23.85 -15.13 7.64
CA PRO A 214 -23.84 -16.59 7.64
C PRO A 214 -25.22 -17.22 7.64
N ASP A 215 -26.22 -16.46 8.07
CA ASP A 215 -27.57 -16.99 8.14
C ASP A 215 -28.37 -16.89 6.84
N VAL A 216 -27.78 -16.34 5.79
CA VAL A 216 -28.45 -16.23 4.50
C VAL A 216 -28.71 -17.64 3.95
N PRO A 217 -29.81 -17.83 3.20
CA PRO A 217 -30.14 -19.15 2.63
C PRO A 217 -29.17 -19.64 1.55
N GLY A 218 -29.15 -20.95 1.30
CA GLY A 218 -28.26 -21.51 0.30
C GLY A 218 -27.45 -22.67 0.85
N ASN A 219 -26.89 -23.51 -0.01
CA ASN A 219 -26.12 -24.66 0.45
C ASN A 219 -24.71 -24.76 -0.10
N MET A 220 -24.12 -23.63 -0.44
CA MET A 220 -22.74 -23.60 -0.94
C MET A 220 -22.30 -22.14 -1.08
N ILE A 221 -21.07 -21.87 -0.67
CA ILE A 221 -20.56 -20.50 -0.78
C ILE A 221 -19.34 -20.45 -1.68
N ARG A 222 -19.21 -19.37 -2.42
CA ARG A 222 -18.06 -19.18 -3.27
C ARG A 222 -17.04 -18.43 -2.44
N TYR A 223 -16.20 -19.17 -1.72
CA TYR A 223 -15.19 -18.53 -0.88
C TYR A 223 -14.05 -17.93 -1.71
N GLY A 224 -13.95 -16.60 -1.71
CA GLY A 224 -12.92 -15.93 -2.48
C GLY A 224 -11.69 -15.48 -1.73
N VAL A 225 -11.53 -14.16 -1.57
CA VAL A 225 -10.39 -13.53 -0.91
C VAL A 225 -10.06 -13.98 0.50
N ALA A 226 -11.07 -14.33 1.28
CA ALA A 226 -10.81 -14.75 2.64
C ALA A 226 -9.83 -15.91 2.72
N MET A 227 -9.90 -16.86 1.79
CA MET A 227 -8.98 -18.00 1.88
C MET A 227 -7.53 -17.56 1.76
N TYR A 228 -7.34 -16.41 1.13
CA TYR A 228 -6.00 -15.86 0.95
C TYR A 228 -5.56 -15.06 2.17
N GLY A 229 -6.41 -15.01 3.19
CA GLY A 229 -6.07 -14.29 4.41
C GLY A 229 -6.28 -12.79 4.37
N LEU A 230 -7.11 -12.30 3.45
CA LEU A 230 -7.35 -10.87 3.32
C LEU A 230 -8.74 -10.49 3.79
N ASN A 231 -8.85 -9.40 4.53
CA ASN A 231 -10.14 -8.96 5.02
C ASN A 231 -10.98 -8.47 3.83
N PRO A 232 -12.00 -9.23 3.45
CA PRO A 232 -12.87 -8.86 2.33
C PRO A 232 -13.47 -7.46 2.41
N SER A 233 -13.49 -6.89 3.60
CA SER A 233 -14.06 -5.55 3.75
C SER A 233 -12.98 -4.49 3.77
N GLY A 234 -11.72 -4.91 3.64
CA GLY A 234 -10.62 -3.98 3.70
C GLY A 234 -10.22 -3.75 5.15
N ASN A 235 -10.84 -2.74 5.76
CA ASN A 235 -10.57 -2.42 7.15
C ASN A 235 -11.82 -1.84 7.81
N LYS A 236 -12.97 -2.18 7.25
CA LYS A 236 -14.25 -1.70 7.78
C LYS A 236 -14.86 -2.57 8.86
N LEU A 237 -14.70 -3.89 8.75
CA LEU A 237 -15.26 -4.81 9.73
C LEU A 237 -14.22 -5.85 10.16
N ALA A 238 -14.37 -6.39 11.36
CA ALA A 238 -13.41 -7.40 11.83
C ALA A 238 -13.84 -8.78 11.31
N PRO A 239 -12.91 -9.56 10.73
CA PRO A 239 -13.24 -10.89 10.20
C PRO A 239 -13.88 -11.76 11.27
N SER A 240 -14.81 -12.61 10.86
CA SER A 240 -15.50 -13.47 11.80
C SER A 240 -14.58 -14.48 12.52
N TYR A 241 -13.37 -14.65 11.99
CA TYR A 241 -12.38 -15.56 12.56
C TYR A 241 -11.01 -15.11 12.07
N ALA A 242 -9.95 -15.50 12.78
CA ALA A 242 -8.60 -15.08 12.42
C ALA A 242 -8.13 -15.59 11.06
N LEU A 243 -7.95 -14.66 10.12
CA LEU A 243 -7.48 -15.00 8.78
C LEU A 243 -5.96 -14.91 8.77
N LYS A 244 -5.30 -15.85 8.12
CA LYS A 244 -3.84 -15.80 8.03
C LYS A 244 -3.45 -15.43 6.62
N PRO A 245 -2.81 -14.28 6.44
CA PRO A 245 -2.44 -13.92 5.07
C PRO A 245 -1.51 -14.97 4.48
N ALA A 246 -1.71 -15.32 3.21
CA ALA A 246 -0.89 -16.33 2.58
C ALA A 246 0.15 -15.81 1.60
N LEU A 247 0.16 -14.50 1.39
CA LEU A 247 1.09 -13.89 0.45
C LEU A 247 2.16 -13.07 1.16
N ARG A 248 3.39 -13.13 0.65
CA ARG A 248 4.53 -12.36 1.17
C ARG A 248 5.34 -11.99 -0.06
N LEU A 249 5.93 -10.80 -0.06
CA LEU A 249 6.72 -10.33 -1.18
C LEU A 249 8.07 -9.90 -0.68
N THR A 250 9.14 -10.36 -1.34
CA THR A 250 10.48 -10.07 -0.89
C THR A 250 11.45 -9.67 -1.99
N SER A 251 12.60 -9.15 -1.57
CA SER A 251 13.65 -8.75 -2.50
C SER A 251 14.88 -8.47 -1.63
N GLU A 252 15.91 -7.87 -2.20
CA GLU A 252 17.07 -7.56 -1.40
C GLU A 252 17.85 -6.38 -1.96
N LEU A 253 18.66 -5.78 -1.10
CA LEU A 253 19.48 -4.64 -1.49
C LEU A 253 20.54 -5.14 -2.45
N ILE A 254 20.69 -4.47 -3.59
CA ILE A 254 21.68 -4.87 -4.58
C ILE A 254 22.67 -3.75 -4.86
N HIS A 255 22.59 -2.68 -4.07
CA HIS A 255 23.48 -1.53 -4.25
C HIS A 255 23.15 -0.65 -3.07
N VAL A 256 24.17 -0.30 -2.30
CA VAL A 256 24.06 0.65 -1.21
C VAL A 256 25.08 1.77 -1.41
N LYS A 257 24.72 2.99 -1.06
CA LYS A 257 25.62 4.11 -1.22
C LYS A 257 25.24 5.30 -0.34
N ARG A 258 26.18 6.21 -0.14
CA ARG A 258 25.90 7.41 0.65
C ARG A 258 25.96 8.61 -0.29
N LEU A 259 24.92 9.43 -0.25
CA LEU A 259 24.84 10.62 -1.10
C LEU A 259 25.05 11.90 -0.31
N ALA A 260 25.64 12.90 -0.95
CA ALA A 260 25.88 14.19 -0.31
C ALA A 260 24.56 14.94 -0.16
N ALA A 261 24.53 15.93 0.72
CA ALA A 261 23.32 16.71 0.94
C ALA A 261 22.93 17.41 -0.36
N GLY A 262 21.62 17.52 -0.59
CA GLY A 262 21.13 18.17 -1.78
C GLY A 262 21.44 17.46 -3.09
N GLU A 263 21.30 16.15 -3.09
CA GLU A 263 21.56 15.35 -4.28
C GLU A 263 20.22 14.78 -4.76
N GLY A 264 19.93 14.91 -6.05
CA GLY A 264 18.67 14.40 -6.57
C GLY A 264 18.61 12.91 -6.84
N ILE A 265 17.44 12.32 -6.64
CA ILE A 265 17.23 10.90 -6.86
C ILE A 265 16.01 10.59 -7.73
N GLY A 266 16.19 9.68 -8.69
CA GLY A 266 15.10 9.25 -9.56
C GLY A 266 14.55 10.27 -10.54
N TYR A 267 13.85 9.76 -11.54
CA TYR A 267 13.23 10.55 -12.59
C TYR A 267 12.58 11.84 -12.12
N GLY A 268 12.62 12.85 -12.99
CA GLY A 268 12.03 14.14 -12.67
C GLY A 268 12.68 14.82 -11.49
N GLU A 269 13.64 14.15 -10.86
CA GLU A 269 14.32 14.71 -9.69
C GLU A 269 13.29 15.12 -8.65
N THR A 270 12.30 14.26 -8.41
CA THR A 270 11.25 14.58 -7.43
C THR A 270 11.74 14.54 -5.99
N TYR A 271 12.86 13.86 -5.76
CA TYR A 271 13.41 13.78 -4.41
C TYR A 271 14.81 14.37 -4.28
N VAL A 272 15.01 15.17 -3.23
CA VAL A 272 16.30 15.79 -2.99
C VAL A 272 16.80 15.52 -1.56
N THR A 273 18.02 15.02 -1.44
CA THR A 273 18.60 14.74 -0.12
C THR A 273 18.62 16.00 0.75
N GLU A 274 18.04 15.88 1.94
CA GLU A 274 18.00 17.00 2.89
C GLU A 274 19.25 16.99 3.76
N ALA A 275 20.16 16.05 3.47
CA ALA A 275 21.41 15.89 4.21
C ALA A 275 22.03 14.56 3.78
N GLU A 276 23.31 14.35 4.10
CA GLU A 276 23.98 13.10 3.73
C GLU A 276 23.20 11.90 4.25
N GLU A 277 22.96 10.93 3.38
CA GLU A 277 22.22 9.74 3.75
C GLU A 277 22.54 8.52 2.90
N TRP A 278 22.21 7.34 3.40
CA TRP A 278 22.46 6.11 2.69
C TRP A 278 21.25 5.69 1.88
N ILE A 279 21.43 5.60 0.56
CA ILE A 279 20.34 5.20 -0.32
C ILE A 279 20.48 3.73 -0.71
N GLY A 280 19.36 3.09 -0.96
CA GLY A 280 19.39 1.68 -1.32
C GLY A 280 18.68 1.45 -2.63
N THR A 281 19.10 0.41 -3.34
CA THR A 281 18.48 0.09 -4.61
C THR A 281 17.88 -1.31 -4.53
N VAL A 282 16.57 -1.37 -4.73
CA VAL A 282 15.84 -2.63 -4.69
C VAL A 282 15.35 -3.01 -6.08
N PRO A 283 15.73 -4.21 -6.54
CA PRO A 283 15.36 -4.74 -7.85
C PRO A 283 13.88 -5.09 -7.99
N ILE A 284 13.05 -4.05 -8.11
CA ILE A 284 11.61 -4.20 -8.28
C ILE A 284 10.99 -2.83 -8.54
N GLY A 285 10.21 -2.73 -9.61
CA GLY A 285 9.58 -1.46 -9.93
C GLY A 285 8.14 -1.63 -10.33
N TYR A 286 7.56 -0.66 -11.02
CA TYR A 286 6.16 -0.77 -11.39
C TYR A 286 5.85 -1.82 -12.45
N ALA A 287 6.86 -2.22 -13.20
CA ALA A 287 6.67 -3.26 -14.21
C ALA A 287 6.44 -4.61 -13.52
N ASP A 288 6.59 -4.64 -12.20
CA ASP A 288 6.35 -5.88 -11.43
C ASP A 288 5.03 -5.72 -10.68
N GLY A 289 4.46 -4.53 -10.76
CA GLY A 289 3.22 -4.27 -10.07
C GLY A 289 3.47 -3.33 -8.90
N TRP A 290 4.73 -3.12 -8.55
CA TRP A 290 5.07 -2.21 -7.45
C TRP A 290 4.89 -0.79 -8.05
N LEU A 291 3.64 -0.34 -8.10
CA LEU A 291 3.25 0.94 -8.70
C LEU A 291 3.92 2.24 -8.24
N ARG A 292 4.01 3.18 -9.18
CA ARG A 292 4.65 4.47 -8.94
C ARG A 292 4.12 5.18 -7.71
N HIS A 293 2.83 5.05 -7.46
CA HIS A 293 2.28 5.71 -6.29
C HIS A 293 2.70 5.09 -4.96
N LEU A 294 3.69 4.21 -4.99
CA LEU A 294 4.15 3.63 -3.75
C LEU A 294 5.33 4.41 -3.20
N GLN A 295 5.46 5.60 -3.97
CA GLN A 295 6.39 6.44 -3.53
C GLN A 295 6.68 6.75 -2.07
N GLY A 296 5.92 7.34 -1.24
CA GLY A 296 6.11 7.54 0.19
C GLY A 296 6.14 6.34 1.09
N PHE A 297 5.85 5.17 0.51
CA PHE A 297 5.66 3.97 1.31
C PHE A 297 7.00 3.51 1.92
N THR A 298 6.97 2.73 3.01
CA THR A 298 8.21 2.25 3.60
C THR A 298 8.31 0.73 3.64
N VAL A 299 9.46 0.21 3.23
CA VAL A 299 9.71 -1.23 3.22
C VAL A 299 10.49 -1.64 4.47
N LEU A 300 10.73 -2.94 4.64
CA LEU A 300 11.42 -3.42 5.82
C LEU A 300 12.71 -4.15 5.58
N VAL A 301 13.78 -3.64 6.19
CA VAL A 301 15.09 -4.29 6.11
C VAL A 301 15.67 -4.30 7.52
N ASN A 302 15.90 -5.51 8.03
CA ASN A 302 16.41 -5.71 9.38
C ASN A 302 15.41 -5.22 10.40
N GLY A 303 14.13 -5.38 10.10
CA GLY A 303 13.08 -4.96 11.01
C GLY A 303 12.95 -3.45 11.19
N LYS A 304 13.26 -2.68 10.15
CA LYS A 304 13.17 -1.23 10.24
C LYS A 304 12.53 -0.63 8.99
N ARG A 305 11.66 0.35 9.17
CA ARG A 305 11.00 0.98 8.02
C ARG A 305 12.03 1.80 7.24
N CYS A 306 11.92 1.78 5.93
CA CYS A 306 12.79 2.52 5.04
C CYS A 306 11.91 3.12 3.97
N GLU A 307 11.84 4.44 3.92
CA GLU A 307 11.01 5.13 2.97
C GLU A 307 11.49 5.03 1.52
N ILE A 308 10.68 4.66 0.73
CA ILE A 308 10.99 4.57 -0.68
C ILE A 308 11.09 6.03 -1.15
N VAL A 309 12.19 6.54 -1.50
CA VAL A 309 12.37 7.92 -1.93
C VAL A 309 12.61 8.03 -3.42
N GLY A 310 12.25 9.17 -3.98
CA GLY A 310 12.41 9.36 -5.41
C GLY A 310 11.39 8.55 -6.16
N ARG A 311 11.34 8.72 -7.47
CA ARG A 311 10.40 7.98 -8.31
C ARG A 311 10.71 6.49 -8.30
N VAL A 312 9.68 5.70 -8.55
CA VAL A 312 9.80 4.25 -8.62
C VAL A 312 10.08 4.01 -10.10
N CYS A 313 11.15 3.30 -10.44
CA CYS A 313 11.41 3.06 -11.86
C CYS A 313 10.66 1.84 -12.32
N MET A 314 10.74 1.60 -13.62
CA MET A 314 10.08 0.45 -14.20
C MET A 314 10.61 -0.84 -13.55
N ASP A 315 11.91 -0.91 -13.32
CA ASP A 315 12.48 -2.12 -12.75
C ASP A 315 13.04 -2.09 -11.36
N GLN A 316 13.07 -0.91 -10.75
CA GLN A 316 13.59 -0.83 -9.39
C GLN A 316 13.21 0.49 -8.73
N CYS A 317 13.57 0.62 -7.45
CA CYS A 317 13.28 1.82 -6.72
C CYS A 317 14.36 2.06 -5.69
N MET A 318 14.38 3.27 -5.14
CA MET A 318 15.37 3.65 -4.16
C MET A 318 14.75 3.82 -2.79
N ILE A 319 15.48 3.40 -1.76
CA ILE A 319 15.01 3.54 -0.38
C ILE A 319 16.05 4.19 0.52
N ARG A 320 15.59 4.96 1.50
CA ARG A 320 16.49 5.60 2.42
C ARG A 320 16.75 4.64 3.56
N LEU A 321 18.01 4.41 3.86
CA LEU A 321 18.38 3.50 4.93
C LEU A 321 18.77 4.29 6.18
N ALA A 322 18.63 3.67 7.35
CA ALA A 322 18.99 4.31 8.60
C ALA A 322 20.50 4.17 8.85
N GLU A 323 20.97 2.95 9.11
CA GLU A 323 22.39 2.70 9.34
C GLU A 323 22.83 2.27 7.95
N GLU A 324 24.08 2.26 7.81
CA GLU A 324 24.70 1.84 6.64
C GLU A 324 24.84 0.40 6.48
N VAL A 325 25.01 -0.12 5.34
CA VAL A 325 25.16 -1.43 5.43
C VAL A 325 25.19 -2.01 4.24
N PRO A 326 25.51 -3.22 4.11
CA PRO A 326 26.07 -3.69 2.93
C PRO A 326 25.06 -4.21 2.16
N VAL A 327 25.35 -4.71 1.03
CA VAL A 327 24.51 -5.25 0.10
C VAL A 327 24.15 -6.69 0.36
N GLY A 328 22.96 -7.08 0.15
CA GLY A 328 22.62 -8.44 0.51
C GLY A 328 21.46 -8.60 1.48
N PRO A 329 21.27 -7.66 2.42
CA PRO A 329 20.15 -7.78 3.37
C PRO A 329 18.83 -7.98 2.66
N VAL A 330 17.90 -8.72 3.28
CA VAL A 330 16.58 -8.98 2.69
C VAL A 330 15.63 -7.81 2.87
N VAL A 331 14.81 -7.56 1.86
CA VAL A 331 13.85 -6.48 1.93
C VAL A 331 12.45 -7.05 1.92
N THR A 332 11.71 -6.84 3.01
CA THR A 332 10.34 -7.31 3.09
C THR A 332 9.40 -6.19 2.65
N LEU A 333 8.80 -6.32 1.46
CA LEU A 333 7.85 -5.33 0.99
C LEU A 333 6.48 -5.71 1.52
N VAL A 334 6.24 -7.02 1.66
CA VAL A 334 4.98 -7.50 2.21
C VAL A 334 5.22 -8.64 3.17
N GLY A 335 4.84 -8.43 4.43
CA GLY A 335 5.03 -9.45 5.45
C GLY A 335 5.61 -8.88 6.74
N LYS A 336 6.00 -9.76 7.65
CA LYS A 336 6.57 -9.35 8.92
C LYS A 336 8.10 -9.38 8.83
N ASP A 337 8.75 -8.62 9.70
CA ASP A 337 10.20 -8.52 9.78
C ASP A 337 10.44 -7.77 11.08
N GLY A 338 11.01 -8.45 12.06
CA GLY A 338 11.23 -7.81 13.35
C GLY A 338 9.86 -7.66 13.98
N ASN A 339 9.57 -6.50 14.58
CA ASN A 339 8.26 -6.26 15.20
C ASN A 339 7.29 -5.54 14.24
N GLU A 340 7.81 -5.14 13.08
CA GLU A 340 7.02 -4.42 12.07
C GLU A 340 6.34 -5.37 11.09
N GLU A 341 5.32 -4.87 10.41
CA GLU A 341 4.58 -5.65 9.43
C GLU A 341 3.94 -4.83 8.31
N ASN A 342 4.03 -5.34 7.10
CA ASN A 342 3.43 -4.70 5.95
C ASN A 342 2.34 -5.59 5.41
N THR A 343 1.15 -5.03 5.21
CA THR A 343 0.02 -5.81 4.72
C THR A 343 -0.39 -5.37 3.33
N LEU A 344 -1.09 -6.24 2.60
CA LEU A 344 -1.55 -5.85 1.27
C LEU A 344 -2.49 -4.68 1.53
N GLN A 345 -3.24 -4.77 2.62
CA GLN A 345 -4.16 -3.70 2.99
C GLN A 345 -3.40 -2.39 2.92
N MET A 346 -2.29 -2.32 3.65
CA MET A 346 -1.46 -1.13 3.68
C MET A 346 -1.07 -0.76 2.26
N VAL A 347 -0.55 -1.73 1.52
CA VAL A 347 -0.17 -1.47 0.14
C VAL A 347 -1.39 -0.94 -0.61
N ALA A 348 -2.56 -1.48 -0.26
CA ALA A 348 -3.81 -1.06 -0.89
C ALA A 348 -4.17 0.37 -0.50
N GLU A 349 -3.94 0.72 0.77
CA GLU A 349 -4.24 2.04 1.30
C GLU A 349 -3.46 3.09 0.55
N LYS A 350 -2.20 2.76 0.31
CA LYS A 350 -1.30 3.66 -0.37
C LYS A 350 -1.78 3.89 -1.78
N LEU A 351 -1.97 2.81 -2.52
CA LEU A 351 -2.42 2.89 -3.90
C LEU A 351 -3.83 3.47 -4.02
N GLU A 352 -4.56 3.49 -2.92
CA GLU A 352 -5.94 3.99 -2.88
C GLU A 352 -6.91 3.09 -3.63
N THR A 353 -6.72 1.78 -3.51
CA THR A 353 -7.61 0.79 -4.12
C THR A 353 -7.68 -0.34 -3.11
N ILE A 354 -8.07 -1.53 -3.54
CA ILE A 354 -8.30 -2.64 -2.62
C ILE A 354 -7.21 -3.68 -2.83
N HIS A 355 -6.94 -4.49 -1.81
CA HIS A 355 -5.90 -5.50 -1.94
C HIS A 355 -6.18 -6.45 -3.10
N TYR A 356 -7.45 -6.71 -3.40
CA TYR A 356 -7.77 -7.61 -4.50
C TYR A 356 -6.86 -7.24 -5.67
N GLU A 357 -6.91 -5.95 -6.01
CA GLU A 357 -6.18 -5.37 -7.12
C GLU A 357 -4.66 -5.44 -7.00
N VAL A 358 -4.14 -5.19 -5.80
CA VAL A 358 -2.71 -5.23 -5.61
C VAL A 358 -2.26 -6.65 -5.91
N ALA A 359 -2.98 -7.62 -5.35
CA ALA A 359 -2.65 -9.02 -5.54
C ALA A 359 -2.60 -9.43 -7.01
N CYS A 360 -3.65 -9.08 -7.76
CA CYS A 360 -3.75 -9.43 -9.18
C CYS A 360 -2.80 -8.67 -10.08
N THR A 361 -2.20 -7.60 -9.56
CA THR A 361 -1.31 -6.81 -10.40
C THR A 361 0.14 -7.29 -10.34
N PHE A 362 0.49 -8.10 -9.34
CA PHE A 362 1.86 -8.60 -9.23
C PHE A 362 2.22 -9.40 -10.45
N SER A 363 3.07 -8.80 -11.28
CA SER A 363 3.54 -9.36 -12.54
C SER A 363 3.97 -10.81 -12.54
N GLN A 364 3.79 -11.42 -13.70
CA GLN A 364 4.15 -12.82 -13.92
C GLN A 364 5.67 -12.89 -13.75
N ARG A 365 6.34 -11.75 -13.91
CA ARG A 365 7.79 -11.68 -13.82
C ARG A 365 8.36 -11.97 -12.42
N ILE A 366 7.49 -11.97 -11.41
CA ILE A 366 7.93 -12.26 -10.06
C ILE A 366 7.66 -13.73 -9.74
N PRO A 367 8.72 -14.53 -9.57
CA PRO A 367 8.59 -15.95 -9.27
C PRO A 367 7.83 -16.24 -7.98
N ARG A 368 6.81 -17.08 -8.07
CA ARG A 368 6.06 -17.45 -6.88
C ARG A 368 6.70 -18.74 -6.32
N GLU A 369 6.99 -18.76 -5.03
CA GLU A 369 7.57 -19.95 -4.40
C GLU A 369 6.58 -20.45 -3.37
N TYR A 370 6.44 -21.77 -3.29
CA TYR A 370 5.49 -22.39 -2.37
C TYR A 370 6.16 -23.31 -1.35
N ASN A 371 5.40 -23.72 -0.34
CA ASN A 371 5.90 -24.61 0.69
C ASN A 371 4.72 -25.27 1.42
N MET B 1 -18.09 23.74 34.17
CA MET B 1 -17.73 23.87 35.62
C MET B 1 -18.28 22.74 36.50
N VAL B 2 -18.97 21.78 35.87
CA VAL B 2 -19.51 20.64 36.60
C VAL B 2 -19.29 19.34 35.81
N VAL B 3 -19.24 18.22 36.53
CA VAL B 3 -19.05 16.91 35.91
C VAL B 3 -20.41 16.25 35.71
N GLY B 4 -20.61 15.62 34.55
CA GLY B 4 -21.89 15.01 34.24
C GLY B 4 -22.30 13.67 34.83
N TRP B 5 -22.08 13.50 36.13
CA TRP B 5 -22.45 12.28 36.84
C TRP B 5 -23.85 11.76 36.51
N HIS B 6 -24.80 12.67 36.32
CA HIS B 6 -26.18 12.26 36.03
C HIS B 6 -26.53 11.99 34.57
N ARG B 7 -25.49 11.90 33.73
CA ARG B 7 -25.64 11.59 32.32
C ARG B 7 -24.94 10.22 32.16
N PRO B 8 -25.51 9.32 31.35
CA PRO B 8 -24.89 8.00 31.15
C PRO B 8 -23.55 7.92 30.43
N THR B 9 -22.99 9.07 30.05
CA THR B 9 -21.70 9.11 29.35
C THR B 9 -20.55 9.01 30.34
N ARG B 10 -19.57 8.15 30.05
CA ARG B 10 -18.45 7.96 30.98
C ARG B 10 -17.09 7.62 30.36
N LEU B 11 -16.03 7.93 31.08
CA LEU B 11 -14.67 7.65 30.65
C LEU B 11 -14.05 6.71 31.66
N HIS B 12 -13.80 5.47 31.26
CA HIS B 12 -13.21 4.47 32.15
C HIS B 12 -11.74 4.40 31.88
N ILE B 13 -10.94 4.70 32.89
CA ILE B 13 -9.50 4.63 32.74
C ILE B 13 -8.96 3.54 33.65
N ASP B 14 -8.26 2.59 33.02
CA ASP B 14 -7.69 1.44 33.69
C ASP B 14 -6.30 1.72 34.24
N THR B 15 -6.24 2.13 35.50
CA THR B 15 -4.97 2.45 36.13
C THR B 15 -4.01 1.27 36.06
N GLN B 16 -4.54 0.05 36.14
CA GLN B 16 -3.71 -1.14 36.08
C GLN B 16 -2.88 -1.17 34.80
N ALA B 17 -3.49 -0.79 33.69
CA ALA B 17 -2.78 -0.76 32.41
C ALA B 17 -1.66 0.26 32.48
N ILE B 18 -1.90 1.38 33.14
CA ILE B 18 -0.88 2.41 33.26
C ILE B 18 0.25 1.80 34.07
N THR B 19 -0.11 1.03 35.09
CA THR B 19 0.90 0.38 35.93
C THR B 19 1.67 -0.65 35.10
N GLU B 20 0.93 -1.48 34.36
CA GLU B 20 1.55 -2.50 33.53
C GLU B 20 2.50 -1.91 32.49
N ASN B 21 2.02 -0.94 31.72
CA ASN B 21 2.86 -0.32 30.70
C ASN B 21 4.11 0.27 31.31
N VAL B 22 3.97 0.93 32.45
CA VAL B 22 5.12 1.52 33.14
C VAL B 22 6.07 0.44 33.66
N GLN B 23 5.46 -0.63 34.17
CA GLN B 23 6.18 -1.75 34.73
C GLN B 23 7.05 -2.45 33.69
N LYS B 24 6.48 -2.67 32.51
CA LYS B 24 7.21 -3.33 31.45
C LYS B 24 8.39 -2.50 30.94
N GLU B 25 8.24 -1.18 30.97
CA GLU B 25 9.30 -0.30 30.49
C GLU B 25 10.46 -0.34 31.46
N CYS B 26 10.18 -0.17 32.76
CA CYS B 26 11.24 -0.21 33.76
C CYS B 26 12.10 -1.46 33.58
N GLN B 27 11.46 -2.60 33.34
CA GLN B 27 12.15 -3.86 33.15
C GLN B 27 12.96 -3.84 31.86
N ARG B 28 12.65 -2.88 30.99
CA ARG B 28 13.21 -2.87 29.64
C ARG B 28 14.40 -1.91 29.55
N LEU B 29 14.58 -1.10 30.59
CA LEU B 29 15.24 0.18 30.44
C LEU B 29 16.75 0.02 30.28
N PRO B 30 17.34 -0.84 31.10
CA PRO B 30 16.90 -0.99 32.50
C PRO B 30 17.95 -0.48 33.48
N GLU B 31 19.21 -0.44 33.03
CA GLU B 31 20.35 -0.54 33.94
C GLU B 31 20.68 0.83 34.55
N GLY B 32 20.39 0.97 35.85
CA GLY B 32 20.73 2.18 36.58
C GLY B 32 20.12 3.42 35.95
N THR B 33 18.96 3.26 35.33
CA THR B 33 18.23 4.38 34.73
C THR B 33 16.83 4.47 35.31
N ALA B 34 16.44 5.68 35.70
CA ALA B 34 15.12 5.90 36.31
C ALA B 34 14.02 6.27 35.33
N LEU B 35 12.79 6.01 35.77
CA LEU B 35 11.60 6.30 34.98
C LEU B 35 10.78 7.39 35.68
N PHE B 36 10.70 8.56 35.06
CA PHE B 36 9.92 9.65 35.61
C PHE B 36 8.61 9.58 34.84
N ALA B 37 7.49 9.82 35.51
CA ALA B 37 6.21 9.78 34.83
C ALA B 37 5.77 11.21 34.51
N VAL B 38 5.63 11.52 33.24
CA VAL B 38 5.21 12.86 32.88
C VAL B 38 3.71 12.76 32.77
N VAL B 39 2.87 13.42 33.75
CA VAL B 39 1.41 13.40 33.81
C VAL B 39 0.85 14.81 33.64
N LYS B 40 1.36 15.55 32.83
CA LYS B 40 0.90 16.90 32.52
C LYS B 40 -0.40 16.84 31.71
N ALA B 41 -0.91 18.00 31.65
CA ALA B 41 -2.24 18.03 31.06
C ALA B 41 -3.24 17.07 31.72
N ASN B 42 -3.35 17.15 33.05
CA ASN B 42 -4.26 16.31 33.79
C ASN B 42 -4.07 14.83 33.43
N GLY B 43 -2.82 14.37 33.41
CA GLY B 43 -2.56 12.98 33.07
C GLY B 43 -2.99 12.67 31.64
N TYR B 44 -2.57 13.54 30.72
CA TYR B 44 -2.90 13.38 29.32
C TYR B 44 -4.40 13.19 29.10
N GLY B 45 -5.21 13.67 30.04
CA GLY B 45 -6.65 13.53 29.92
C GLY B 45 -7.18 12.35 30.74
N HIS B 46 -6.28 11.59 31.34
CA HIS B 46 -6.67 10.44 32.13
C HIS B 46 -6.84 10.77 33.62
N GLY B 47 -6.10 11.78 34.09
CA GLY B 47 -6.15 12.20 35.49
C GLY B 47 -4.77 12.22 36.12
N ALA B 48 -4.20 13.41 36.28
CA ALA B 48 -2.86 13.55 36.85
C ALA B 48 -2.63 12.75 38.13
N VAL B 49 -3.49 12.94 39.11
CA VAL B 49 -3.37 12.23 40.39
C VAL B 49 -3.40 10.72 40.20
N GLU B 50 -4.51 10.23 39.67
CA GLU B 50 -4.70 8.80 39.42
C GLU B 50 -3.64 8.22 38.50
N SER B 51 -3.05 9.03 37.64
CA SER B 51 -2.01 8.48 36.78
C SER B 51 -0.70 8.36 37.54
N ALA B 52 -0.39 9.37 38.34
CA ALA B 52 0.83 9.38 39.15
C ALA B 52 0.91 8.21 40.13
N LYS B 53 -0.21 7.83 40.73
CA LYS B 53 -0.23 6.73 41.69
C LYS B 53 -0.02 5.39 40.97
N ALA B 54 -0.54 5.28 39.76
CA ALA B 54 -0.39 4.05 38.99
C ALA B 54 1.02 3.98 38.44
N ALA B 55 1.53 5.11 37.97
CA ALA B 55 2.87 5.20 37.40
C ALA B 55 3.87 4.79 38.46
N LYS B 56 3.66 5.30 39.66
CA LYS B 56 4.53 4.98 40.78
C LYS B 56 4.50 3.46 40.98
N LYS B 57 3.32 2.94 41.29
CA LYS B 57 3.15 1.50 41.52
C LYS B 57 3.93 0.64 40.53
N GLY B 58 4.16 1.18 39.34
CA GLY B 58 4.87 0.43 38.32
C GLY B 58 6.38 0.64 38.28
N GLY B 59 6.90 1.57 39.08
CA GLY B 59 8.33 1.78 39.07
C GLY B 59 8.82 3.21 38.94
N ALA B 60 7.95 4.13 38.58
CA ALA B 60 8.35 5.53 38.43
C ALA B 60 8.89 6.12 39.74
N THR B 61 9.97 6.89 39.65
CA THR B 61 10.57 7.48 40.86
C THR B 61 10.34 8.99 40.92
N GLY B 62 10.21 9.62 39.75
CA GLY B 62 9.97 11.06 39.72
C GLY B 62 8.79 11.38 38.81
N PHE B 63 8.25 12.58 38.93
CA PHE B 63 7.12 12.98 38.10
C PHE B 63 7.36 14.28 37.36
N CYS B 64 6.99 14.29 36.08
CA CYS B 64 7.15 15.47 35.26
C CYS B 64 5.80 16.11 35.10
N VAL B 65 5.79 17.42 34.96
CA VAL B 65 4.55 18.15 34.82
C VAL B 65 4.82 19.39 33.99
N ALA B 66 3.76 20.05 33.52
CA ALA B 66 3.92 21.24 32.69
C ALA B 66 3.84 22.55 33.45
N LEU B 67 2.89 22.68 34.36
CA LEU B 67 2.74 23.92 35.10
C LEU B 67 3.08 23.83 36.60
N LEU B 68 3.10 24.98 37.25
CA LEU B 68 3.37 25.05 38.69
C LEU B 68 2.08 24.53 39.37
N ASP B 69 0.94 24.91 38.80
CA ASP B 69 -0.35 24.50 39.33
C ASP B 69 -0.47 23.00 39.38
N GLU B 70 0.00 22.34 38.32
CA GLU B 70 -0.06 20.89 38.24
C GLU B 70 0.83 20.31 39.34
N ALA B 71 1.97 20.95 39.57
CA ALA B 71 2.89 20.51 40.60
C ALA B 71 2.21 20.51 41.97
N ILE B 72 1.60 21.63 42.34
CA ILE B 72 0.97 21.71 43.65
C ILE B 72 -0.14 20.70 43.80
N GLU B 73 -0.83 20.38 42.71
CA GLU B 73 -1.92 19.41 42.80
C GLU B 73 -1.38 18.06 43.29
N LEU B 74 -0.33 17.57 42.64
CA LEU B 74 0.29 16.29 43.02
C LEU B 74 0.76 16.31 44.45
N ARG B 75 1.24 17.46 44.90
CA ARG B 75 1.70 17.60 46.27
C ARG B 75 0.53 17.45 47.24
N GLU B 76 -0.55 18.16 46.97
CA GLU B 76 -1.74 18.12 47.81
C GLU B 76 -2.32 16.72 47.84
N ALA B 77 -2.08 15.96 46.78
CA ALA B 77 -2.59 14.59 46.70
C ALA B 77 -1.67 13.68 47.49
N GLY B 78 -0.58 14.24 48.01
CA GLY B 78 0.35 13.48 48.80
C GLY B 78 1.60 12.99 48.11
N VAL B 79 1.79 13.35 46.84
CA VAL B 79 2.98 12.90 46.11
C VAL B 79 4.25 13.49 46.73
N GLN B 80 5.07 12.61 47.30
CA GLN B 80 6.30 13.04 47.96
C GLN B 80 7.56 12.82 47.13
N ASP B 81 7.42 12.23 45.95
CA ASP B 81 8.58 11.98 45.10
C ASP B 81 9.03 13.31 44.49
N PRO B 82 10.14 13.31 43.75
CA PRO B 82 10.56 14.58 43.16
C PRO B 82 9.62 14.93 42.00
N ILE B 83 9.31 16.22 41.85
CA ILE B 83 8.43 16.65 40.77
C ILE B 83 9.11 17.72 39.92
N LEU B 84 9.35 17.43 38.65
CA LEU B 84 9.99 18.41 37.78
C LEU B 84 8.99 19.17 36.94
N ILE B 85 9.08 20.50 36.95
CA ILE B 85 8.20 21.32 36.14
C ILE B 85 9.01 21.51 34.85
N LEU B 86 8.49 20.93 33.77
CA LEU B 86 9.15 20.96 32.46
C LEU B 86 9.21 22.31 31.72
N SER B 87 8.60 23.35 32.26
CA SER B 87 8.61 24.65 31.59
C SER B 87 9.14 25.76 32.49
N VAL B 88 9.18 26.98 31.95
CA VAL B 88 9.66 28.15 32.69
C VAL B 88 8.61 28.60 33.69
N VAL B 89 9.05 29.02 34.86
CA VAL B 89 8.14 29.49 35.91
C VAL B 89 8.34 30.97 36.19
N ASP B 90 7.24 31.72 36.24
CA ASP B 90 7.33 33.15 36.51
C ASP B 90 8.06 33.39 37.83
N LEU B 91 9.16 34.13 37.78
CA LEU B 91 9.96 34.41 38.98
C LEU B 91 9.13 34.73 40.22
N ALA B 92 8.00 35.42 40.02
CA ALA B 92 7.14 35.81 41.13
C ALA B 92 6.61 34.63 41.94
N TYR B 93 6.85 33.42 41.46
CA TYR B 93 6.38 32.21 42.14
C TYR B 93 7.54 31.35 42.62
N VAL B 94 8.75 31.89 42.55
CA VAL B 94 9.93 31.16 43.00
C VAL B 94 9.79 30.67 44.44
N PRO B 95 9.31 31.54 45.35
CA PRO B 95 9.18 31.07 46.74
C PRO B 95 8.21 29.90 46.89
N LEU B 96 7.29 29.75 45.93
CA LEU B 96 6.34 28.64 45.96
C LEU B 96 7.06 27.35 45.57
N LEU B 97 8.12 27.47 44.77
CA LEU B 97 8.90 26.32 44.34
C LEU B 97 9.60 25.75 45.56
N ILE B 98 10.04 26.65 46.45
CA ILE B 98 10.71 26.28 47.69
C ILE B 98 9.67 25.74 48.67
N GLN B 99 8.53 26.44 48.78
CA GLN B 99 7.46 26.04 49.67
C GLN B 99 7.04 24.60 49.45
N TYR B 100 6.99 24.18 48.19
CA TYR B 100 6.60 22.82 47.88
C TYR B 100 7.81 22.03 47.42
N ASP B 101 8.99 22.63 47.54
CA ASP B 101 10.22 21.96 47.15
C ASP B 101 10.06 21.22 45.81
N LEU B 102 10.06 21.99 44.73
CA LEU B 102 9.88 21.45 43.39
C LEU B 102 11.14 21.64 42.58
N SER B 103 11.29 20.86 41.51
CA SER B 103 12.44 21.00 40.65
C SER B 103 11.96 21.87 39.51
N VAL B 104 12.81 22.78 39.04
CA VAL B 104 12.42 23.70 37.97
C VAL B 104 13.32 23.68 36.76
N THR B 105 12.76 24.10 35.64
CA THR B 105 13.47 24.19 34.38
C THR B 105 14.02 25.59 34.23
N VAL B 106 15.23 25.70 33.70
CA VAL B 106 15.82 27.01 33.51
C VAL B 106 16.48 27.01 32.14
N ALA B 107 16.08 27.97 31.31
CA ALA B 107 16.61 28.07 29.97
C ALA B 107 17.44 29.32 29.75
N THR B 108 17.29 30.31 30.62
CA THR B 108 18.05 31.55 30.50
C THR B 108 18.83 31.83 31.79
N GLN B 109 19.96 32.51 31.68
CA GLN B 109 20.73 32.80 32.87
C GLN B 109 20.13 33.98 33.61
N GLU B 110 19.47 34.87 32.85
CA GLU B 110 18.84 36.02 33.46
C GLU B 110 17.83 35.50 34.47
N TRP B 111 17.31 34.30 34.23
CA TRP B 111 16.34 33.74 35.16
C TRP B 111 17.09 33.41 36.44
N LEU B 112 18.17 32.64 36.29
CA LEU B 112 19.00 32.23 37.42
C LEU B 112 19.44 33.44 38.21
N GLU B 113 20.10 34.37 37.52
CA GLU B 113 20.60 35.59 38.13
C GLU B 113 19.53 36.36 38.84
N ALA B 114 18.29 36.27 38.38
CA ALA B 114 17.20 36.99 39.02
C ALA B 114 16.54 36.22 40.15
N ALA B 115 16.77 34.90 40.17
CA ALA B 115 16.19 34.07 41.20
C ALA B 115 16.95 34.26 42.52
N LEU B 116 18.21 34.68 42.43
CA LEU B 116 19.04 34.90 43.60
C LEU B 116 18.48 35.93 44.58
N GLN B 117 17.95 37.03 44.05
CA GLN B 117 17.39 38.10 44.90
C GLN B 117 16.14 37.70 45.66
N GLN B 118 15.82 36.40 45.67
CA GLN B 118 14.66 35.91 46.38
C GLN B 118 15.04 34.72 47.25
N LEU B 119 16.18 34.12 46.96
CA LEU B 119 16.69 32.98 47.73
C LEU B 119 17.88 33.45 48.55
N THR B 120 18.10 34.77 48.59
CA THR B 120 19.21 35.38 49.30
C THR B 120 19.32 35.09 50.80
N PRO B 121 18.28 35.42 51.57
CA PRO B 121 18.37 35.15 53.01
C PRO B 121 18.43 33.65 53.33
N GLU B 122 18.41 32.82 52.30
CA GLU B 122 18.42 31.38 52.51
C GLU B 122 19.72 30.73 52.95
N SER B 123 19.55 29.77 53.85
CA SER B 123 20.64 28.99 54.41
C SER B 123 20.39 27.53 54.05
N ASN B 124 19.12 27.18 53.89
CA ASN B 124 18.68 25.79 53.93
C ASN B 124 18.05 25.82 52.55
N THR B 125 17.64 24.64 52.07
CA THR B 125 16.59 24.39 51.09
C THR B 125 16.62 24.46 49.57
N PRO B 126 17.82 24.40 49.00
CA PRO B 126 18.27 24.94 47.71
C PRO B 126 17.29 24.64 46.58
N LEU B 127 17.31 25.46 45.55
CA LEU B 127 16.34 25.36 44.49
C LEU B 127 16.87 24.30 43.52
N ARG B 128 16.18 23.17 43.44
CA ARG B 128 16.59 22.08 42.56
C ARG B 128 16.40 22.51 41.12
N VAL B 129 17.50 22.85 40.45
CA VAL B 129 17.41 23.29 39.08
C VAL B 129 17.83 22.23 38.07
N HIS B 130 17.10 22.20 36.96
CA HIS B 130 17.37 21.30 35.84
C HIS B 130 17.59 22.29 34.69
N LEU B 131 18.77 22.24 34.08
CA LEU B 131 19.07 23.14 32.97
C LEU B 131 18.70 22.49 31.65
N LYS B 132 18.04 23.23 30.77
CA LYS B 132 17.66 22.67 29.48
C LYS B 132 18.45 23.26 28.32
N VAL B 133 19.01 22.38 27.48
CA VAL B 133 19.75 22.84 26.32
C VAL B 133 18.92 22.45 25.11
N ASP B 134 18.66 23.42 24.24
CA ASP B 134 17.83 23.21 23.05
C ASP B 134 18.18 22.06 22.11
N THR B 135 19.29 22.21 21.39
CA THR B 135 19.78 21.17 20.48
C THR B 135 18.88 20.85 19.28
N GLY B 136 17.68 21.42 19.21
CA GLY B 136 16.83 21.12 18.06
C GLY B 136 15.31 21.24 18.14
N MET B 137 14.72 21.13 19.33
CA MET B 137 13.27 21.26 19.44
C MET B 137 12.85 22.67 19.06
N GLY B 138 13.72 23.64 19.36
CA GLY B 138 13.43 25.01 19.01
C GLY B 138 12.48 25.80 19.88
N ARG B 139 12.11 25.30 21.07
CA ARG B 139 11.20 26.07 21.92
C ARG B 139 11.87 26.80 23.09
N ILE B 140 12.69 26.13 23.90
CA ILE B 140 13.37 26.80 25.02
C ILE B 140 14.65 26.09 25.43
N GLY B 141 15.55 26.82 26.08
CA GLY B 141 16.79 26.22 26.55
C GLY B 141 18.01 26.83 25.91
N PHE B 142 19.14 26.76 26.62
CA PHE B 142 20.38 27.31 26.09
C PHE B 142 20.66 26.57 24.80
N LEU B 143 21.12 27.29 23.79
CA LEU B 143 21.40 26.70 22.49
C LEU B 143 22.86 26.73 22.07
N THR B 144 23.77 26.63 23.04
CA THR B 144 25.19 26.63 22.73
C THR B 144 26.01 26.03 23.87
N PRO B 145 27.01 25.19 23.54
CA PRO B 145 27.85 24.56 24.56
C PRO B 145 28.56 25.59 25.43
N GLU B 146 28.98 26.71 24.83
CA GLU B 146 29.66 27.76 25.57
C GLU B 146 28.73 28.24 26.67
N GLU B 147 27.50 28.57 26.31
CA GLU B 147 26.51 28.98 27.31
C GLU B 147 26.27 27.69 28.07
N THR B 148 25.32 27.68 29.00
CA THR B 148 25.03 26.50 29.80
C THR B 148 26.24 26.29 30.70
N LYS B 149 27.43 26.23 30.10
CA LYS B 149 28.67 26.07 30.85
C LYS B 149 28.78 27.31 31.74
N GLN B 150 28.29 28.44 31.22
CA GLN B 150 28.30 29.69 31.96
C GLN B 150 27.16 29.58 32.98
N ALA B 151 26.14 28.79 32.63
CA ALA B 151 24.99 28.62 33.48
C ALA B 151 25.25 27.62 34.61
N VAL B 152 25.85 26.50 34.27
CA VAL B 152 26.13 25.48 35.28
C VAL B 152 27.07 26.02 36.34
N ARG B 153 28.20 26.58 35.91
CA ARG B 153 29.18 27.13 36.83
C ARG B 153 28.52 28.14 37.76
N PHE B 154 27.59 28.94 37.23
CA PHE B 154 26.90 29.93 38.03
C PHE B 154 26.01 29.29 39.09
N VAL B 155 25.31 28.23 38.71
CA VAL B 155 24.44 27.53 39.64
C VAL B 155 25.33 26.84 40.68
N GLN B 156 26.57 26.57 40.27
CA GLN B 156 27.55 25.93 41.15
C GLN B 156 28.13 26.99 42.09
N SER B 157 28.09 28.24 41.66
CA SER B 157 28.62 29.34 42.44
C SER B 157 27.74 29.75 43.59
N HIS B 158 26.57 29.14 43.72
CA HIS B 158 25.67 29.52 44.79
C HIS B 158 24.99 28.32 45.44
N LYS B 159 25.28 28.09 46.71
CA LYS B 159 24.70 26.98 47.44
C LYS B 159 23.19 27.17 47.59
N GLU B 160 22.67 28.31 47.14
CA GLU B 160 21.23 28.57 47.22
C GLU B 160 20.52 27.75 46.14
N PHE B 161 21.29 27.20 45.21
CA PHE B 161 20.78 26.39 44.11
C PHE B 161 21.27 24.95 44.28
N LEU B 162 20.55 24.00 43.72
CA LEU B 162 20.94 22.59 43.78
C LEU B 162 20.81 22.01 42.36
N TRP B 163 21.89 22.10 41.60
CA TRP B 163 21.92 21.59 40.23
C TRP B 163 21.48 20.15 40.49
N GLU B 164 20.26 19.84 40.08
CA GLU B 164 19.74 18.47 40.06
C GLU B 164 19.91 17.75 38.73
N GLY B 165 20.05 18.49 37.63
CA GLY B 165 20.23 17.83 36.34
C GLY B 165 20.15 18.67 35.09
N ILE B 166 20.64 18.11 33.99
CA ILE B 166 20.59 18.78 32.68
C ILE B 166 19.86 17.85 31.71
N PHE B 167 19.13 18.43 30.77
CA PHE B 167 18.39 17.64 29.81
C PHE B 167 18.14 18.33 28.49
N THR B 168 17.52 17.59 27.58
CA THR B 168 17.18 18.12 26.25
C THR B 168 15.97 17.33 25.76
N HIS B 169 15.31 17.82 24.72
CA HIS B 169 14.13 17.15 24.17
C HIS B 169 14.28 16.92 22.67
N PHE B 170 13.93 15.71 22.22
CA PHE B 170 14.02 15.36 20.81
C PHE B 170 12.70 15.67 20.11
N SER B 171 12.78 16.12 18.86
CA SER B 171 11.55 16.47 18.12
C SER B 171 11.17 15.50 17.01
N THR B 172 11.91 14.41 16.87
CA THR B 172 11.63 13.44 15.83
C THR B 172 12.05 12.01 16.21
N ALA B 173 11.98 11.69 17.50
CA ALA B 173 12.36 10.36 17.97
C ALA B 173 11.41 9.31 17.41
N ASP B 174 10.20 9.75 17.08
CA ASP B 174 9.17 8.86 16.54
C ASP B 174 9.19 8.84 15.01
N GLU B 175 10.15 9.55 14.43
CA GLU B 175 10.27 9.65 12.98
C GLU B 175 11.14 8.53 12.40
N ILE B 176 10.67 7.94 11.31
CA ILE B 176 11.39 6.86 10.63
C ILE B 176 12.79 7.36 10.23
N ASP B 177 12.87 8.58 9.70
CA ASP B 177 14.14 9.17 9.33
C ASP B 177 14.77 9.62 10.66
N THR B 178 16.02 9.24 10.88
CA THR B 178 16.69 9.59 12.13
C THR B 178 17.78 10.63 11.92
N SER B 179 17.76 11.24 10.74
CA SER B 179 18.74 12.27 10.38
C SER B 179 18.84 13.38 11.44
N TYR B 180 17.73 14.06 11.69
CA TYR B 180 17.67 15.16 12.63
C TYR B 180 17.87 14.74 14.07
N PHE B 181 17.39 13.53 14.40
CA PHE B 181 17.52 13.01 15.75
C PHE B 181 19.00 12.96 16.13
N GLU B 182 19.79 12.30 15.29
CA GLU B 182 21.23 12.18 15.53
C GLU B 182 21.79 13.57 15.78
N LYS B 183 21.54 14.48 14.85
CA LYS B 183 22.02 15.85 14.94
C LYS B 183 21.74 16.41 16.33
N GLN B 184 20.58 16.04 16.88
CA GLN B 184 20.22 16.51 18.21
C GLN B 184 21.14 15.89 19.26
N ALA B 185 21.26 14.56 19.22
CA ALA B 185 22.10 13.86 20.16
C ALA B 185 23.49 14.49 20.10
N GLY B 186 23.93 14.78 18.88
CA GLY B 186 25.24 15.39 18.71
C GLY B 186 25.41 16.65 19.51
N ARG B 187 24.47 17.57 19.37
CA ARG B 187 24.53 18.85 20.08
C ARG B 187 24.53 18.67 21.59
N PHE B 188 23.83 17.64 22.06
CA PHE B 188 23.80 17.41 23.49
C PHE B 188 25.13 16.83 23.92
N LYS B 189 25.67 15.91 23.13
CA LYS B 189 26.96 15.32 23.46
C LYS B 189 27.96 16.45 23.51
N ALA B 190 27.96 17.28 22.48
CA ALA B 190 29.05 18.20 22.23
C ALA B 190 29.07 19.32 23.28
N VAL B 191 28.05 19.33 24.14
CA VAL B 191 27.92 20.38 25.15
C VAL B 191 27.98 19.78 26.55
N LEU B 192 27.82 18.47 26.64
CA LEU B 192 28.28 17.71 27.81
C LEU B 192 29.80 17.59 27.80
N ALA B 193 30.39 17.59 26.61
CA ALA B 193 31.82 17.36 26.46
C ALA B 193 32.64 18.51 27.05
N VAL B 194 31.98 19.58 27.48
CA VAL B 194 32.67 20.74 28.04
C VAL B 194 32.57 20.81 29.56
N LEU B 195 31.40 20.47 30.09
CA LEU B 195 31.19 20.50 31.54
C LEU B 195 32.19 19.54 32.18
N GLU B 196 32.53 19.78 33.44
CA GLU B 196 33.48 18.90 34.12
C GLU B 196 32.82 17.78 34.93
N GLU B 197 31.68 18.08 35.52
CA GLU B 197 30.94 17.09 36.31
C GLU B 197 29.47 17.07 35.93
N LEU B 198 28.88 15.88 35.94
CA LEU B 198 27.47 15.73 35.61
C LEU B 198 26.64 15.68 36.89
N PRO B 199 25.45 16.31 36.87
CA PRO B 199 24.59 16.32 38.05
C PRO B 199 23.95 14.95 38.23
N ARG B 200 23.03 14.84 39.17
CA ARG B 200 22.38 13.57 39.44
C ARG B 200 21.52 13.07 38.28
N TYR B 201 20.79 13.99 37.65
CA TYR B 201 19.91 13.63 36.55
C TYR B 201 20.33 14.11 35.18
N VAL B 202 20.53 13.15 34.28
CA VAL B 202 20.92 13.46 32.92
C VAL B 202 19.91 12.70 32.04
N HIS B 203 18.83 13.38 31.71
CA HIS B 203 17.75 12.83 30.91
C HIS B 203 17.57 13.50 29.54
N VAL B 204 17.14 12.72 28.56
CA VAL B 204 16.90 13.26 27.22
C VAL B 204 15.76 12.49 26.60
N SER B 205 15.37 11.38 27.22
CA SER B 205 14.41 10.48 26.63
C SER B 205 12.93 10.63 26.97
N ASN B 206 12.11 10.55 25.92
CA ASN B 206 10.66 10.60 26.06
C ASN B 206 10.22 9.20 25.63
N SER B 207 8.94 9.02 25.36
CA SER B 207 8.45 7.70 24.96
C SER B 207 9.15 7.19 23.71
N ALA B 208 9.08 7.98 22.64
CA ALA B 208 9.69 7.61 21.38
C ALA B 208 11.15 7.18 21.49
N THR B 209 11.99 8.01 22.11
CA THR B 209 13.40 7.66 22.27
C THR B 209 13.54 6.37 23.08
N ALA B 210 12.82 6.30 24.19
CA ALA B 210 12.86 5.13 25.05
C ALA B 210 12.50 3.87 24.26
N LEU B 211 11.56 4.00 23.34
CA LEU B 211 11.14 2.86 22.55
C LEU B 211 12.02 2.51 21.36
N TRP B 212 12.40 3.52 20.57
CA TRP B 212 13.21 3.25 19.39
C TRP B 212 14.63 3.82 19.36
N HIS B 213 15.07 4.39 20.47
CA HIS B 213 16.41 4.95 20.58
C HIS B 213 16.92 4.78 22.01
N PRO B 214 16.86 3.55 22.55
CA PRO B 214 17.34 3.30 23.92
C PRO B 214 18.86 3.31 24.12
N ASP B 215 19.62 3.59 23.06
CA ASP B 215 21.08 3.63 23.14
C ASP B 215 21.59 5.01 23.55
N VAL B 216 20.69 5.99 23.52
CA VAL B 216 20.98 7.39 23.83
C VAL B 216 21.61 7.63 25.19
N PRO B 217 22.67 8.45 25.22
CA PRO B 217 23.39 8.79 26.45
C PRO B 217 22.53 9.49 27.48
N GLY B 218 22.27 8.83 28.61
CA GLY B 218 21.45 9.41 29.66
C GLY B 218 21.18 8.40 30.77
N ASN B 219 20.67 8.86 31.92
CA ASN B 219 20.39 7.96 33.02
C ASN B 219 18.99 8.20 33.61
N MET B 220 18.08 8.72 32.79
CA MET B 220 16.72 8.97 33.25
C MET B 220 15.82 9.32 32.07
N ILE B 221 14.63 8.74 32.04
CA ILE B 221 13.68 8.99 30.96
C ILE B 221 12.35 9.55 31.45
N ARG B 222 11.83 10.51 30.70
CA ARG B 222 10.55 11.15 31.00
C ARG B 222 9.51 10.39 30.18
N TYR B 223 9.00 9.29 30.73
CA TYR B 223 8.01 8.45 30.05
C TYR B 223 6.62 9.11 30.04
N GLY B 224 6.17 9.47 28.85
CA GLY B 224 4.87 10.12 28.69
C GLY B 224 3.76 9.23 28.16
N VAL B 225 3.30 9.52 26.95
CA VAL B 225 2.20 8.79 26.31
C VAL B 225 2.15 7.28 26.41
N ALA B 226 3.29 6.62 26.19
CA ALA B 226 3.33 5.17 26.26
C ALA B 226 2.69 4.65 27.56
N MET B 227 2.89 5.36 28.65
CA MET B 227 2.32 4.97 29.92
C MET B 227 0.85 4.67 29.76
N TYR B 228 0.19 5.47 28.94
CA TYR B 228 -1.25 5.34 28.69
C TYR B 228 -1.59 4.27 27.67
N GLY B 229 -0.58 3.50 27.25
CA GLY B 229 -0.80 2.44 26.27
C GLY B 229 -1.05 2.96 24.87
N LEU B 230 -0.53 4.15 24.56
CA LEU B 230 -0.71 4.74 23.24
C LEU B 230 0.64 4.82 22.53
N ASN B 231 0.66 4.47 21.24
CA ASN B 231 1.87 4.50 20.43
C ASN B 231 2.30 5.95 20.16
N PRO B 232 3.46 6.36 20.68
CA PRO B 232 3.95 7.72 20.48
C PRO B 232 4.24 8.11 19.03
N SER B 233 4.01 7.19 18.10
CA SER B 233 4.23 7.47 16.68
C SER B 233 2.91 7.35 15.92
N GLY B 234 1.85 7.06 16.66
CA GLY B 234 0.54 6.90 16.03
C GLY B 234 0.41 5.57 15.32
N ASN B 235 1.01 5.48 14.13
CA ASN B 235 0.95 4.27 13.31
C ASN B 235 2.25 4.02 12.55
N LYS B 236 3.18 4.97 12.61
CA LYS B 236 4.44 4.84 11.89
C LYS B 236 5.28 3.65 12.32
N LEU B 237 5.56 3.54 13.61
CA LEU B 237 6.39 2.44 14.11
C LEU B 237 5.73 1.54 15.13
N ALA B 238 6.21 0.30 15.20
CA ALA B 238 5.68 -0.70 16.13
C ALA B 238 6.47 -0.65 17.44
N PRO B 239 5.77 -0.46 18.57
CA PRO B 239 6.44 -0.40 19.86
C PRO B 239 7.39 -1.58 20.09
N SER B 240 8.36 -1.41 20.99
CA SER B 240 9.31 -2.46 21.29
C SER B 240 8.65 -3.56 22.09
N TYR B 241 7.54 -3.22 22.75
CA TYR B 241 6.76 -4.17 23.55
C TYR B 241 5.29 -3.77 23.46
N ALA B 242 4.38 -4.67 23.80
CA ALA B 242 2.96 -4.39 23.70
C ALA B 242 2.40 -3.40 24.73
N LEU B 243 1.91 -2.27 24.26
CA LEU B 243 1.32 -1.26 25.13
C LEU B 243 -0.12 -1.63 25.38
N LYS B 244 -0.64 -1.40 26.58
CA LYS B 244 -2.03 -1.73 26.87
C LYS B 244 -2.85 -0.47 27.11
N PRO B 245 -3.69 -0.10 26.13
CA PRO B 245 -4.53 1.10 26.26
C PRO B 245 -5.18 1.19 27.64
N ALA B 246 -5.27 2.40 28.18
CA ALA B 246 -5.85 2.60 29.49
C ALA B 246 -7.02 3.57 29.49
N LEU B 247 -7.48 3.97 28.31
CA LEU B 247 -8.59 4.90 28.20
C LEU B 247 -9.71 4.31 27.34
N ARG B 248 -10.94 4.39 27.85
CA ARG B 248 -12.09 3.90 27.12
C ARG B 248 -13.25 4.90 27.31
N LEU B 249 -13.89 5.27 26.21
CA LEU B 249 -15.00 6.22 26.28
C LEU B 249 -16.30 5.52 25.91
N THR B 250 -17.30 5.65 26.75
CA THR B 250 -18.58 5.00 26.51
C THR B 250 -19.78 5.89 26.79
N SER B 251 -20.93 5.49 26.25
CA SER B 251 -22.16 6.24 26.46
C SER B 251 -23.37 5.31 26.37
N GLU B 252 -24.55 5.84 26.09
CA GLU B 252 -25.74 5.01 26.03
C GLU B 252 -26.89 5.63 25.24
N LEU B 253 -27.54 4.84 24.38
CA LEU B 253 -28.65 5.35 23.59
C LEU B 253 -29.77 5.93 24.46
N ILE B 254 -30.04 7.23 24.34
CA ILE B 254 -31.10 7.82 25.14
C ILE B 254 -32.34 8.08 24.31
N HIS B 255 -32.32 7.64 23.06
CA HIS B 255 -33.47 7.78 22.18
C HIS B 255 -33.30 6.93 20.94
N VAL B 256 -34.39 6.33 20.49
CA VAL B 256 -34.36 5.50 19.31
C VAL B 256 -35.66 5.67 18.55
N LYS B 257 -35.56 5.79 17.23
CA LYS B 257 -36.74 5.97 16.43
C LYS B 257 -36.43 5.49 15.03
N ARG B 258 -37.44 5.45 14.18
CA ARG B 258 -37.25 5.03 12.80
C ARG B 258 -37.67 6.21 11.91
N LEU B 259 -36.81 6.57 10.97
CA LEU B 259 -37.10 7.66 10.05
C LEU B 259 -37.40 7.20 8.64
N ALA B 260 -38.38 7.83 8.00
CA ALA B 260 -38.74 7.47 6.62
C ALA B 260 -37.64 7.91 5.67
N ALA B 261 -37.78 7.52 4.41
CA ALA B 261 -36.79 7.90 3.41
C ALA B 261 -36.92 9.40 3.12
N GLY B 262 -35.85 9.98 2.60
CA GLY B 262 -35.87 11.40 2.29
C GLY B 262 -36.16 12.29 3.48
N GLU B 263 -35.69 11.89 4.66
CA GLU B 263 -35.89 12.64 5.90
C GLU B 263 -34.49 13.09 6.35
N GLY B 264 -34.37 14.34 6.77
CA GLY B 264 -33.08 14.86 7.19
C GLY B 264 -32.84 14.91 8.68
N ILE B 265 -31.57 14.87 9.08
CA ILE B 265 -31.22 14.93 10.49
C ILE B 265 -30.01 15.83 10.73
N GLY B 266 -29.93 16.42 11.93
CA GLY B 266 -28.82 17.29 12.27
C GLY B 266 -28.86 18.67 11.62
N TYR B 267 -28.08 19.60 12.17
CA TYR B 267 -27.99 20.95 11.65
C TYR B 267 -27.54 20.99 10.19
N GLY B 268 -28.14 21.90 9.43
CA GLY B 268 -27.78 22.07 8.03
C GLY B 268 -28.33 20.98 7.15
N GLU B 269 -29.03 20.01 7.74
CA GLU B 269 -29.58 18.90 6.98
C GLU B 269 -28.50 18.38 6.05
N THR B 270 -27.32 18.10 6.58
CA THR B 270 -26.22 17.60 5.75
C THR B 270 -26.41 16.13 5.43
N TYR B 271 -27.38 15.51 6.08
CA TYR B 271 -27.65 14.10 5.87
C TYR B 271 -29.13 13.82 5.62
N VAL B 272 -29.41 12.92 4.69
CA VAL B 272 -30.77 12.54 4.36
C VAL B 272 -30.84 11.03 4.17
N THR B 273 -31.82 10.41 4.82
CA THR B 273 -31.99 8.97 4.73
C THR B 273 -32.33 8.57 3.28
N GLU B 274 -31.66 7.53 2.79
CA GLU B 274 -31.89 7.04 1.42
C GLU B 274 -33.07 6.07 1.43
N ALA B 275 -33.44 5.60 2.62
CA ALA B 275 -34.37 4.50 2.80
C ALA B 275 -34.94 4.65 4.20
N GLU B 276 -35.40 3.56 4.80
CA GLU B 276 -35.96 3.66 6.13
C GLU B 276 -34.96 3.08 7.11
N GLU B 277 -34.55 3.90 8.07
CA GLU B 277 -33.54 3.46 9.03
C GLU B 277 -33.83 3.84 10.46
N TRP B 278 -33.21 3.11 11.38
CA TRP B 278 -33.36 3.36 12.79
C TRP B 278 -32.25 4.31 13.22
N ILE B 279 -32.65 5.46 13.76
CA ILE B 279 -31.70 6.48 14.21
C ILE B 279 -31.65 6.54 15.72
N GLY B 280 -30.44 6.49 16.29
CA GLY B 280 -30.31 6.56 17.74
C GLY B 280 -29.62 7.84 18.17
N THR B 281 -29.99 8.35 19.35
CA THR B 281 -29.36 9.57 19.86
C THR B 281 -28.43 9.24 21.02
N VAL B 282 -27.27 9.90 21.07
CA VAL B 282 -26.31 9.65 22.13
C VAL B 282 -25.89 10.93 22.87
N PRO B 283 -25.98 10.93 24.22
CA PRO B 283 -25.63 12.11 25.01
C PRO B 283 -24.15 12.44 25.08
N ILE B 284 -23.59 12.84 23.94
CA ILE B 284 -22.19 13.25 23.88
C ILE B 284 -22.00 14.11 22.65
N GLY B 285 -21.46 15.31 22.83
CA GLY B 285 -21.25 16.21 21.71
C GLY B 285 -19.88 16.84 21.70
N TYR B 286 -19.68 17.83 20.84
CA TYR B 286 -18.37 18.44 20.72
C TYR B 286 -17.90 19.25 21.93
N ALA B 287 -18.82 19.55 22.85
CA ALA B 287 -18.47 20.29 24.04
C ALA B 287 -17.85 19.33 25.04
N ASP B 288 -17.92 18.04 24.72
CA ASP B 288 -17.33 17.01 25.57
C ASP B 288 -15.99 16.60 25.00
N GLY B 289 -15.71 17.01 23.77
CA GLY B 289 -14.46 16.67 23.14
C GLY B 289 -14.69 15.88 21.86
N TRP B 290 -15.88 15.31 21.73
CA TRP B 290 -16.27 14.49 20.57
C TRP B 290 -16.63 15.52 19.49
N LEU B 291 -15.61 15.91 18.72
CA LEU B 291 -15.69 16.94 17.68
C LEU B 291 -16.43 16.68 16.37
N ARG B 292 -17.05 17.74 15.86
CA ARG B 292 -17.84 17.72 14.62
C ARG B 292 -17.25 16.97 13.44
N HIS B 293 -15.93 16.84 13.39
CA HIS B 293 -15.36 16.14 12.26
C HIS B 293 -15.37 14.63 12.39
N LEU B 294 -15.89 14.15 13.51
CA LEU B 294 -16.01 12.72 13.73
C LEU B 294 -17.27 12.24 13.04
N GLN B 295 -17.99 13.17 12.42
CA GLN B 295 -19.22 12.85 11.72
C GLN B 295 -19.14 11.53 10.95
N GLY B 296 -18.26 11.41 9.97
CA GLY B 296 -18.22 10.13 9.26
C GLY B 296 -18.00 8.86 10.10
N PHE B 297 -17.28 9.01 11.19
CA PHE B 297 -16.91 7.93 12.11
C PHE B 297 -17.99 6.90 12.48
N THR B 298 -17.57 5.71 12.91
CA THR B 298 -18.50 4.66 13.35
C THR B 298 -18.21 4.20 14.78
N VAL B 299 -19.25 4.17 15.62
CA VAL B 299 -19.12 3.72 17.00
C VAL B 299 -19.77 2.35 17.14
N LEU B 300 -19.65 1.75 18.32
CA LEU B 300 -20.17 0.41 18.56
C LEU B 300 -21.42 0.29 19.44
N VAL B 301 -22.29 -0.64 19.07
CA VAL B 301 -23.51 -0.93 19.83
C VAL B 301 -23.82 -2.41 19.57
N ASN B 302 -23.82 -3.18 20.66
CA ASN B 302 -24.08 -4.61 20.54
C ASN B 302 -23.12 -5.27 19.57
N GLY B 303 -21.88 -4.79 19.52
CA GLY B 303 -20.88 -5.37 18.64
C GLY B 303 -20.90 -4.95 17.18
N LYS B 304 -21.90 -4.19 16.77
CA LYS B 304 -22.00 -3.74 15.39
C LYS B 304 -21.64 -2.27 15.24
N ARG B 305 -20.92 -1.94 14.16
CA ARG B 305 -20.51 -0.58 13.92
C ARG B 305 -21.68 0.27 13.39
N CYS B 306 -21.84 1.47 13.94
CA CYS B 306 -22.93 2.38 13.56
C CYS B 306 -22.42 3.77 13.16
N GLU B 307 -22.73 4.19 11.94
CA GLU B 307 -22.26 5.50 11.45
C GLU B 307 -22.90 6.73 12.10
N ILE B 308 -22.08 7.72 12.45
CA ILE B 308 -22.60 8.96 13.04
C ILE B 308 -23.12 9.81 11.89
N VAL B 309 -24.43 9.84 11.72
CA VAL B 309 -24.99 10.60 10.62
C VAL B 309 -25.42 12.00 11.04
N GLY B 310 -25.36 12.92 10.09
CA GLY B 310 -25.73 14.30 10.39
C GLY B 310 -24.70 14.95 11.29
N ARG B 311 -24.73 16.28 11.33
CA ARG B 311 -23.82 17.08 12.12
C ARG B 311 -23.82 16.73 13.60
N VAL B 312 -22.63 16.63 14.18
CA VAL B 312 -22.51 16.35 15.59
C VAL B 312 -22.92 17.61 16.35
N CYS B 313 -23.84 17.46 17.30
CA CYS B 313 -24.31 18.59 18.10
C CYS B 313 -23.38 18.84 19.28
N MET B 314 -23.61 19.98 19.96
CA MET B 314 -22.82 20.36 21.12
C MET B 314 -22.89 19.32 22.23
N ASP B 315 -24.10 18.82 22.48
CA ASP B 315 -24.33 17.86 23.55
C ASP B 315 -24.80 16.47 23.10
N GLN B 316 -24.71 16.19 21.81
CA GLN B 316 -25.12 14.89 21.32
C GLN B 316 -24.91 14.72 19.83
N CYS B 317 -25.20 13.52 19.35
CA CYS B 317 -25.10 13.22 17.94
C CYS B 317 -26.07 12.11 17.59
N MET B 318 -26.14 11.74 16.33
CA MET B 318 -27.06 10.70 15.91
C MET B 318 -26.36 9.58 15.17
N ILE B 319 -26.71 8.34 15.50
CA ILE B 319 -26.10 7.20 14.84
C ILE B 319 -27.14 6.28 14.19
N ARG B 320 -26.79 5.81 13.01
CA ARG B 320 -27.68 4.91 12.28
C ARG B 320 -27.54 3.51 12.84
N LEU B 321 -28.67 2.96 13.26
CA LEU B 321 -28.72 1.61 13.81
C LEU B 321 -29.10 0.66 12.68
N ALA B 322 -28.66 -0.59 12.77
CA ALA B 322 -28.98 -1.57 11.73
C ALA B 322 -30.21 -2.37 12.14
N GLU B 323 -30.21 -2.81 13.39
CA GLU B 323 -31.30 -3.60 13.91
C GLU B 323 -32.16 -2.76 14.86
N GLU B 324 -33.43 -3.12 14.94
CA GLU B 324 -34.38 -2.46 15.81
C GLU B 324 -33.91 -2.69 17.24
N VAL B 325 -33.60 -1.59 17.94
CA VAL B 325 -33.12 -1.65 19.32
C VAL B 325 -33.83 -0.67 20.25
N PRO B 326 -34.03 -1.07 21.52
CA PRO B 326 -34.71 -0.27 22.55
C PRO B 326 -33.74 0.72 23.17
N VAL B 327 -34.28 1.68 23.91
CA VAL B 327 -33.47 2.69 24.59
C VAL B 327 -32.69 2.03 25.72
N GLY B 328 -31.44 2.47 25.92
CA GLY B 328 -30.66 1.90 27.00
C GLY B 328 -29.35 1.19 26.69
N PRO B 329 -29.20 0.52 25.53
CA PRO B 329 -27.97 -0.18 25.20
C PRO B 329 -26.70 0.67 25.33
N VAL B 330 -25.62 0.05 25.76
CA VAL B 330 -24.35 0.74 25.91
C VAL B 330 -23.71 1.03 24.56
N VAL B 331 -23.14 2.21 24.42
CA VAL B 331 -22.49 2.63 23.19
C VAL B 331 -21.00 2.86 23.43
N THR B 332 -20.16 2.13 22.69
CA THR B 332 -18.71 2.28 22.83
C THR B 332 -18.13 3.17 21.74
N LEU B 333 -17.54 4.29 22.16
CA LEU B 333 -16.93 5.24 21.23
C LEU B 333 -15.43 4.94 21.15
N VAL B 334 -14.85 4.56 22.28
CA VAL B 334 -13.43 4.25 22.31
C VAL B 334 -13.25 3.00 23.17
N GLY B 335 -12.79 1.92 22.55
CA GLY B 335 -12.59 0.67 23.28
C GLY B 335 -13.11 -0.51 22.51
N LYS B 336 -13.18 -1.67 23.16
CA LYS B 336 -13.66 -2.88 22.49
C LYS B 336 -15.15 -3.19 22.72
N ASP B 337 -15.72 -3.96 21.80
CA ASP B 337 -17.11 -4.38 21.88
C ASP B 337 -17.35 -5.46 20.86
N GLY B 338 -17.64 -6.68 21.33
CA GLY B 338 -17.82 -7.77 20.40
C GLY B 338 -16.45 -7.92 19.80
N ASN B 339 -16.36 -8.20 18.51
CA ASN B 339 -15.05 -8.36 17.89
C ASN B 339 -14.49 -7.03 17.39
N GLU B 340 -15.32 -5.99 17.37
CA GLU B 340 -14.90 -4.68 16.89
C GLU B 340 -14.21 -3.82 17.94
N GLU B 341 -13.28 -2.98 17.49
CA GLU B 341 -12.56 -2.10 18.41
C GLU B 341 -12.32 -0.66 17.90
N ASN B 342 -12.56 0.30 18.77
CA ASN B 342 -12.36 1.71 18.44
C ASN B 342 -11.23 2.28 19.28
N THR B 343 -10.05 2.42 18.66
CA THR B 343 -8.87 2.93 19.34
C THR B 343 -8.75 4.45 19.25
N LEU B 344 -7.92 5.05 20.10
CA LEU B 344 -7.77 6.48 20.05
C LEU B 344 -7.20 6.85 18.68
N GLN B 345 -6.16 6.11 18.27
CA GLN B 345 -5.51 6.34 16.98
C GLN B 345 -6.52 6.40 15.85
N MET B 346 -7.55 5.56 15.90
CA MET B 346 -8.57 5.56 14.87
C MET B 346 -9.35 6.87 14.94
N VAL B 347 -9.55 7.37 16.16
CA VAL B 347 -10.27 8.62 16.33
C VAL B 347 -9.40 9.78 15.87
N ALA B 348 -8.11 9.70 16.15
CA ALA B 348 -7.18 10.77 15.77
C ALA B 348 -7.04 10.86 14.26
N GLU B 349 -7.00 9.72 13.58
CA GLU B 349 -6.87 9.71 12.13
C GLU B 349 -8.10 10.33 11.48
N LYS B 350 -9.27 9.99 11.96
CA LYS B 350 -10.47 10.60 11.40
C LYS B 350 -10.43 12.10 11.70
N LEU B 351 -9.79 12.48 12.80
CA LEU B 351 -9.69 13.87 13.20
C LEU B 351 -8.47 14.55 12.60
N GLU B 352 -7.62 13.77 11.95
CA GLU B 352 -6.41 14.29 11.34
C GLU B 352 -5.41 14.91 12.31
N THR B 353 -5.37 14.39 13.52
CA THR B 353 -4.42 14.84 14.53
C THR B 353 -3.78 13.60 15.10
N ILE B 354 -3.28 13.71 16.32
CA ILE B 354 -2.66 12.61 17.01
C ILE B 354 -3.48 12.32 18.25
N HIS B 355 -3.31 11.14 18.84
CA HIS B 355 -4.09 10.79 20.03
C HIS B 355 -3.81 11.70 21.22
N TYR B 356 -2.64 12.31 21.27
CA TYR B 356 -2.31 13.22 22.39
C TYR B 356 -3.40 14.26 22.50
N GLU B 357 -3.76 14.85 21.37
CA GLU B 357 -4.78 15.91 21.32
C GLU B 357 -6.18 15.41 21.64
N VAL B 358 -6.55 14.28 21.05
CA VAL B 358 -7.87 13.74 21.30
C VAL B 358 -8.04 13.50 22.78
N ALA B 359 -7.13 12.72 23.36
CA ALA B 359 -7.19 12.43 24.79
C ALA B 359 -7.28 13.72 25.62
N CYS B 360 -6.46 14.70 25.29
CA CYS B 360 -6.44 15.98 26.01
C CYS B 360 -7.66 16.83 25.78
N THR B 361 -8.40 16.55 24.73
CA THR B 361 -9.58 17.34 24.40
C THR B 361 -10.84 16.88 25.14
N PHE B 362 -10.82 15.68 25.70
CA PHE B 362 -11.96 15.18 26.44
C PHE B 362 -12.24 16.09 27.64
N SER B 363 -13.44 16.65 27.64
CA SER B 363 -13.89 17.59 28.67
C SER B 363 -14.01 17.05 30.10
N GLN B 364 -13.99 17.97 31.06
CA GLN B 364 -14.19 17.60 32.46
C GLN B 364 -15.67 17.36 32.73
N ARG B 365 -16.49 17.72 31.74
CA ARG B 365 -17.92 17.43 31.78
C ARG B 365 -18.16 15.93 31.67
N ILE B 366 -17.19 15.18 31.12
CA ILE B 366 -17.32 13.74 31.01
C ILE B 366 -16.62 13.14 32.23
N PRO B 367 -17.39 12.50 33.13
CA PRO B 367 -16.82 11.90 34.33
C PRO B 367 -15.75 10.83 34.06
N ARG B 368 -14.79 10.75 34.96
CA ARG B 368 -13.72 9.76 34.87
C ARG B 368 -13.99 8.73 35.95
N GLU B 369 -13.79 7.45 35.64
CA GLU B 369 -13.98 6.39 36.63
C GLU B 369 -12.72 5.56 36.66
N TYR B 370 -12.41 4.96 37.81
CA TYR B 370 -11.19 4.19 37.92
C TYR B 370 -11.33 2.77 38.40
N ASN B 371 -10.36 1.95 38.01
CA ASN B 371 -10.31 0.54 38.40
C ASN B 371 -8.90 0.01 38.20
N MET C 1 -0.25 -19.45 -14.79
CA MET C 1 -1.45 -18.74 -15.35
C MET C 1 -1.58 -18.93 -16.86
N VAL C 2 -2.82 -18.91 -17.34
CA VAL C 2 -3.09 -19.09 -18.75
C VAL C 2 -3.41 -17.74 -19.37
N VAL C 3 -3.51 -17.71 -20.69
CA VAL C 3 -3.85 -16.48 -21.38
C VAL C 3 -5.26 -16.69 -21.97
N GLY C 4 -6.12 -15.69 -21.77
CA GLY C 4 -7.49 -15.77 -22.22
C GLY C 4 -7.77 -15.91 -23.70
N TRP C 5 -7.28 -16.99 -24.30
CA TRP C 5 -7.50 -17.22 -25.72
C TRP C 5 -8.97 -17.34 -26.06
N HIS C 6 -9.71 -18.10 -25.28
CA HIS C 6 -11.14 -18.29 -25.55
C HIS C 6 -12.02 -17.14 -25.05
N ARG C 7 -11.43 -15.96 -24.94
CA ARG C 7 -12.15 -14.79 -24.49
C ARG C 7 -11.92 -13.66 -25.51
N PRO C 8 -12.97 -12.91 -25.85
CA PRO C 8 -12.87 -11.81 -26.83
C PRO C 8 -11.87 -10.67 -26.58
N THR C 9 -11.39 -10.53 -25.35
CA THR C 9 -10.44 -9.46 -25.02
C THR C 9 -9.09 -9.74 -25.68
N ARG C 10 -8.49 -8.72 -26.30
CA ARG C 10 -7.22 -8.95 -26.99
C ARG C 10 -6.34 -7.71 -27.16
N LEU C 11 -5.02 -7.92 -27.15
CA LEU C 11 -4.03 -6.85 -27.33
C LEU C 11 -3.41 -6.99 -28.72
N HIS C 12 -3.61 -6.01 -29.59
CA HIS C 12 -3.02 -6.08 -30.93
C HIS C 12 -1.77 -5.23 -31.03
N ILE C 13 -0.66 -5.86 -31.37
CA ILE C 13 0.61 -5.15 -31.51
C ILE C 13 1.02 -4.99 -32.96
N ASP C 14 0.95 -3.76 -33.44
CA ASP C 14 1.34 -3.41 -34.82
C ASP C 14 2.87 -3.34 -34.88
N THR C 15 3.47 -4.45 -35.29
CA THR C 15 4.92 -4.57 -35.41
C THR C 15 5.56 -3.53 -36.31
N GLN C 16 5.05 -3.41 -37.53
CA GLN C 16 5.59 -2.44 -38.46
C GLN C 16 5.71 -1.04 -37.85
N ALA C 17 4.74 -0.69 -37.00
CA ALA C 17 4.77 0.63 -36.37
C ALA C 17 6.10 0.78 -35.65
N ILE C 18 6.45 -0.22 -34.86
CA ILE C 18 7.70 -0.20 -34.13
C ILE C 18 8.84 0.04 -35.13
N THR C 19 8.89 -0.80 -36.16
CA THR C 19 9.92 -0.70 -37.21
C THR C 19 10.00 0.70 -37.78
N GLU C 20 8.84 1.26 -38.12
CA GLU C 20 8.78 2.62 -38.68
C GLU C 20 9.35 3.61 -37.69
N ASN C 21 8.89 3.52 -36.44
CA ASN C 21 9.36 4.41 -35.39
C ASN C 21 10.87 4.34 -35.23
N VAL C 22 11.41 3.12 -35.32
CA VAL C 22 12.85 2.93 -35.19
C VAL C 22 13.61 3.46 -36.39
N GLN C 23 13.14 3.14 -37.59
CA GLN C 23 13.79 3.61 -38.82
C GLN C 23 13.95 5.12 -38.84
N LYS C 24 12.87 5.83 -38.53
CA LYS C 24 12.87 7.28 -38.55
C LYS C 24 13.87 7.89 -37.60
N GLU C 25 14.08 7.27 -36.45
CA GLU C 25 15.04 7.79 -35.49
C GLU C 25 16.44 7.54 -36.03
N CYS C 26 16.66 6.33 -36.53
CA CYS C 26 17.98 6.02 -37.07
C CYS C 26 18.37 7.06 -38.11
N GLN C 27 17.41 7.49 -38.92
CA GLN C 27 17.70 8.48 -39.95
C GLN C 27 18.17 9.83 -39.42
N ARG C 28 17.79 10.17 -38.19
CA ARG C 28 18.21 11.46 -37.63
C ARG C 28 19.49 11.43 -36.81
N LEU C 29 20.10 10.26 -36.67
CA LEU C 29 21.33 10.19 -35.91
C LEU C 29 22.52 9.93 -36.84
N PRO C 30 23.68 10.51 -36.52
CA PRO C 30 24.92 10.37 -37.30
C PRO C 30 25.18 8.93 -37.73
N GLU C 31 26.07 8.74 -38.70
CA GLU C 31 26.34 7.40 -39.18
C GLU C 31 27.27 6.61 -38.26
N GLY C 32 27.84 7.30 -37.27
CA GLY C 32 28.72 6.63 -36.33
C GLY C 32 27.99 6.37 -35.03
N THR C 33 26.68 6.54 -35.06
CA THR C 33 25.88 6.32 -33.86
C THR C 33 24.96 5.12 -33.99
N ALA C 34 25.11 4.18 -33.06
CA ALA C 34 24.33 2.95 -33.02
C ALA C 34 22.99 3.10 -32.29
N LEU C 35 22.02 2.30 -32.70
CA LEU C 35 20.70 2.34 -32.10
C LEU C 35 20.45 1.03 -31.38
N PHE C 36 20.36 1.09 -30.06
CA PHE C 36 20.10 -0.12 -29.29
C PHE C 36 18.63 -0.06 -28.87
N ALA C 37 17.88 -1.11 -29.16
CA ALA C 37 16.47 -1.15 -28.80
C ALA C 37 16.33 -1.74 -27.40
N VAL C 38 15.81 -0.96 -26.46
CA VAL C 38 15.63 -1.47 -25.11
C VAL C 38 14.23 -2.10 -25.05
N VAL C 39 14.09 -3.57 -24.85
CA VAL C 39 12.83 -4.28 -24.82
C VAL C 39 12.56 -4.93 -23.48
N LYS C 40 12.94 -4.26 -22.40
CA LYS C 40 12.76 -4.78 -21.06
C LYS C 40 11.27 -4.90 -20.71
N ALA C 41 11.07 -5.50 -19.58
CA ALA C 41 9.70 -5.68 -19.14
C ALA C 41 8.83 -6.16 -20.30
N ASN C 42 9.28 -7.23 -20.95
CA ASN C 42 8.58 -7.83 -22.07
C ASN C 42 8.25 -6.77 -23.12
N GLY C 43 9.28 -6.03 -23.53
CA GLY C 43 9.07 -4.98 -24.51
C GLY C 43 8.00 -4.02 -24.02
N TYR C 44 8.19 -3.52 -22.80
CA TYR C 44 7.23 -2.60 -22.21
C TYR C 44 5.81 -3.13 -22.39
N GLY C 45 5.65 -4.43 -22.18
CA GLY C 45 4.33 -5.04 -22.28
C GLY C 45 3.84 -5.43 -23.66
N HIS C 46 4.65 -5.14 -24.69
CA HIS C 46 4.24 -5.49 -26.04
C HIS C 46 4.80 -6.84 -26.46
N GLY C 47 5.78 -7.35 -25.71
CA GLY C 47 6.40 -8.61 -26.02
C GLY C 47 7.80 -8.38 -26.54
N ALA C 48 8.80 -8.76 -25.74
CA ALA C 48 10.21 -8.56 -26.09
C ALA C 48 10.64 -9.09 -27.45
N VAL C 49 10.65 -10.41 -27.60
CA VAL C 49 11.07 -11.04 -28.84
C VAL C 49 10.57 -10.33 -30.09
N GLU C 50 9.25 -10.15 -30.18
CA GLU C 50 8.64 -9.48 -31.32
C GLU C 50 9.13 -8.04 -31.43
N SER C 51 9.13 -7.31 -30.32
CA SER C 51 9.59 -5.92 -30.34
C SER C 51 11.04 -5.92 -30.78
N ALA C 52 11.76 -6.93 -30.30
CA ALA C 52 13.17 -7.10 -30.61
C ALA C 52 13.38 -7.32 -32.10
N LYS C 53 12.58 -8.23 -32.67
CA LYS C 53 12.69 -8.56 -34.09
C LYS C 53 12.23 -7.41 -34.97
N ALA C 54 11.23 -6.68 -34.50
CA ALA C 54 10.72 -5.53 -35.25
C ALA C 54 11.77 -4.43 -35.18
N ALA C 55 12.38 -4.26 -34.01
CA ALA C 55 13.39 -3.23 -33.82
C ALA C 55 14.62 -3.48 -34.69
N LYS C 56 14.96 -4.74 -34.89
CA LYS C 56 16.12 -5.06 -35.71
C LYS C 56 15.89 -4.63 -37.17
N LYS C 57 14.72 -4.95 -37.72
CA LYS C 57 14.41 -4.57 -39.11
C LYS C 57 14.40 -3.05 -39.32
N GLY C 58 14.41 -2.30 -38.23
CA GLY C 58 14.40 -0.84 -38.35
C GLY C 58 15.77 -0.19 -38.31
N GLY C 59 16.78 -0.95 -37.91
CA GLY C 59 18.13 -0.40 -37.85
C GLY C 59 18.85 -0.66 -36.54
N ALA C 60 18.13 -1.20 -35.57
CA ALA C 60 18.73 -1.50 -34.28
C ALA C 60 19.82 -2.55 -34.43
N THR C 61 20.96 -2.29 -33.82
CA THR C 61 22.09 -3.21 -33.87
C THR C 61 22.49 -3.72 -32.48
N GLY C 62 21.60 -3.52 -31.51
CA GLY C 62 21.86 -3.96 -30.16
C GLY C 62 20.58 -3.94 -29.35
N PHE C 63 20.61 -4.53 -28.15
CA PHE C 63 19.43 -4.57 -27.30
C PHE C 63 19.75 -4.27 -25.84
N CYS C 64 18.79 -3.61 -25.17
CA CYS C 64 18.90 -3.26 -23.76
C CYS C 64 17.82 -3.95 -22.96
N VAL C 65 18.25 -4.78 -22.02
CA VAL C 65 17.33 -5.53 -21.19
C VAL C 65 17.59 -5.17 -19.73
N ALA C 66 16.67 -5.57 -18.85
CA ALA C 66 16.78 -5.26 -17.43
C ALA C 66 17.15 -6.45 -16.55
N LEU C 67 16.86 -7.67 -17.00
CA LEU C 67 17.18 -8.83 -16.20
C LEU C 67 18.03 -9.84 -16.95
N LEU C 68 18.76 -10.67 -16.21
CA LEU C 68 19.57 -11.73 -16.79
C LEU C 68 18.63 -12.65 -17.57
N ASP C 69 17.53 -12.99 -16.94
CA ASP C 69 16.51 -13.85 -17.54
C ASP C 69 15.92 -13.26 -18.83
N GLU C 70 15.87 -11.93 -18.92
CA GLU C 70 15.32 -11.31 -20.11
C GLU C 70 16.34 -11.32 -21.24
N ALA C 71 17.61 -11.18 -20.88
CA ALA C 71 18.70 -11.20 -21.85
C ALA C 71 18.82 -12.61 -22.41
N ILE C 72 18.56 -13.60 -21.55
CA ILE C 72 18.64 -14.99 -21.96
C ILE C 72 17.48 -15.35 -22.88
N GLU C 73 16.29 -14.84 -22.56
CA GLU C 73 15.13 -15.13 -23.39
C GLU C 73 15.41 -14.72 -24.84
N LEU C 74 16.03 -13.56 -25.03
CA LEU C 74 16.35 -13.10 -26.37
C LEU C 74 17.29 -14.06 -27.07
N ARG C 75 18.34 -14.48 -26.37
CA ARG C 75 19.30 -15.42 -26.93
C ARG C 75 18.51 -16.65 -27.39
N GLU C 76 17.69 -17.19 -26.50
CA GLU C 76 16.86 -18.35 -26.82
C GLU C 76 15.96 -18.11 -28.03
N ALA C 77 15.73 -16.86 -28.37
CA ALA C 77 14.89 -16.53 -29.52
C ALA C 77 15.73 -16.44 -30.78
N GLY C 78 17.05 -16.49 -30.61
CA GLY C 78 17.95 -16.40 -31.75
C GLY C 78 18.57 -15.03 -31.88
N VAL C 79 18.39 -14.17 -30.89
CA VAL C 79 18.99 -12.85 -30.97
C VAL C 79 20.49 -13.01 -30.83
N GLN C 80 21.20 -12.66 -31.90
CA GLN C 80 22.65 -12.81 -31.94
C GLN C 80 23.41 -11.48 -31.79
N ASP C 81 22.70 -10.40 -31.48
CA ASP C 81 23.34 -9.10 -31.32
C ASP C 81 23.70 -8.81 -29.87
N PRO C 82 24.51 -7.76 -29.64
CA PRO C 82 24.90 -7.41 -28.28
C PRO C 82 23.66 -7.20 -27.44
N ILE C 83 23.69 -7.70 -26.22
CA ILE C 83 22.56 -7.52 -25.32
C ILE C 83 23.17 -6.96 -24.05
N LEU C 84 22.63 -5.85 -23.58
CA LEU C 84 23.11 -5.22 -22.36
C LEU C 84 22.08 -5.30 -21.25
N ILE C 85 22.46 -5.91 -20.14
CA ILE C 85 21.60 -6.02 -18.98
C ILE C 85 21.79 -4.69 -18.25
N LEU C 86 20.77 -3.84 -18.30
CA LEU C 86 20.86 -2.52 -17.68
C LEU C 86 21.11 -2.38 -16.18
N SER C 87 21.04 -3.48 -15.42
CA SER C 87 21.31 -3.35 -13.99
C SER C 87 22.30 -4.36 -13.39
N VAL C 88 22.57 -4.21 -12.10
CA VAL C 88 23.52 -5.07 -11.39
C VAL C 88 23.13 -6.54 -11.38
N VAL C 89 24.07 -7.38 -11.74
CA VAL C 89 23.86 -8.82 -11.79
C VAL C 89 24.53 -9.49 -10.59
N ASP C 90 23.88 -10.52 -10.06
CA ASP C 90 24.42 -11.25 -8.92
C ASP C 90 25.66 -12.04 -9.34
N LEU C 91 26.70 -11.99 -8.51
CA LEU C 91 27.93 -12.70 -8.79
C LEU C 91 27.68 -14.18 -9.03
N ALA C 92 26.73 -14.75 -8.32
CA ALA C 92 26.42 -16.16 -8.50
C ALA C 92 26.08 -16.47 -9.95
N TYR C 93 25.80 -15.44 -10.73
CA TYR C 93 25.41 -15.64 -12.11
C TYR C 93 26.41 -15.18 -13.15
N VAL C 94 27.61 -14.83 -12.71
CA VAL C 94 28.63 -14.38 -13.65
C VAL C 94 28.78 -15.41 -14.77
N PRO C 95 28.99 -16.70 -14.42
CA PRO C 95 29.13 -17.69 -15.48
C PRO C 95 28.03 -17.67 -16.55
N LEU C 96 26.80 -17.32 -16.17
CA LEU C 96 25.73 -17.29 -17.15
C LEU C 96 26.02 -16.19 -18.16
N LEU C 97 26.57 -15.07 -17.69
CA LEU C 97 26.90 -13.97 -18.56
C LEU C 97 27.88 -14.44 -19.64
N ILE C 98 28.88 -15.20 -19.23
CA ILE C 98 29.88 -15.72 -20.16
C ILE C 98 29.24 -16.69 -21.15
N GLN C 99 28.38 -17.56 -20.65
CA GLN C 99 27.70 -18.57 -21.46
C GLN C 99 26.87 -17.99 -22.62
N TYR C 100 26.11 -16.93 -22.36
CA TYR C 100 25.33 -16.31 -23.41
C TYR C 100 26.01 -15.08 -23.98
N ASP C 101 27.28 -14.86 -23.59
CA ASP C 101 28.05 -13.70 -24.04
C ASP C 101 27.18 -12.45 -23.96
N LEU C 102 26.76 -12.11 -22.75
CA LEU C 102 25.92 -10.96 -22.49
C LEU C 102 26.77 -9.85 -21.93
N SER C 103 26.36 -8.61 -22.16
CA SER C 103 27.10 -7.47 -21.64
C SER C 103 26.43 -6.94 -20.37
N VAL C 104 27.17 -6.83 -19.28
CA VAL C 104 26.61 -6.33 -18.02
C VAL C 104 27.11 -4.96 -17.61
N THR C 105 26.31 -4.25 -16.82
CA THR C 105 26.71 -2.94 -16.37
C THR C 105 27.37 -3.15 -15.01
N VAL C 106 28.39 -2.36 -14.73
CA VAL C 106 29.11 -2.46 -13.46
C VAL C 106 28.97 -1.12 -12.76
N ALA C 107 28.77 -1.15 -11.44
CA ALA C 107 28.61 0.06 -10.66
C ALA C 107 29.58 0.20 -9.49
N THR C 108 30.36 -0.84 -9.24
CA THR C 108 31.33 -0.82 -8.15
C THR C 108 32.57 -1.65 -8.47
N GLN C 109 33.70 -1.33 -7.86
CA GLN C 109 34.92 -2.09 -8.11
C GLN C 109 34.76 -3.38 -7.32
N GLU C 110 34.03 -3.31 -6.22
CA GLU C 110 33.81 -4.49 -5.38
C GLU C 110 33.34 -5.67 -6.24
N TRP C 111 32.35 -5.40 -7.08
CA TRP C 111 31.78 -6.42 -7.96
C TRP C 111 32.82 -6.95 -8.93
N LEU C 112 33.63 -6.04 -9.48
CA LEU C 112 34.68 -6.39 -10.44
C LEU C 112 35.80 -7.20 -9.79
N GLU C 113 36.22 -6.82 -8.59
CA GLU C 113 37.27 -7.53 -7.88
C GLU C 113 36.85 -8.97 -7.58
N ALA C 114 35.60 -9.13 -7.15
CA ALA C 114 35.08 -10.45 -6.82
C ALA C 114 34.77 -11.20 -8.12
N ALA C 115 34.37 -10.46 -9.14
CA ALA C 115 34.05 -11.04 -10.43
C ALA C 115 35.31 -11.63 -11.05
N LEU C 116 36.45 -10.98 -10.81
CA LEU C 116 37.72 -11.45 -11.34
C LEU C 116 37.92 -12.90 -10.95
N GLN C 117 37.75 -13.20 -9.67
CA GLN C 117 37.89 -14.57 -9.20
C GLN C 117 36.75 -15.28 -9.92
N GLN C 118 36.63 -16.60 -9.79
CA GLN C 118 35.55 -17.29 -10.47
C GLN C 118 35.57 -17.00 -11.98
N LEU C 119 36.60 -16.31 -12.45
CA LEU C 119 36.74 -15.97 -13.86
C LEU C 119 38.06 -16.54 -14.36
N THR C 120 38.01 -17.37 -15.40
CA THR C 120 39.19 -18.05 -15.90
C THR C 120 40.41 -17.13 -15.92
N PRO C 121 41.69 -17.89 -15.60
CA PRO C 121 42.92 -17.11 -15.55
C PRO C 121 43.08 -16.22 -16.78
N GLU C 122 42.59 -16.53 -17.95
CA GLU C 122 42.88 -15.87 -19.22
C GLU C 122 41.84 -15.99 -20.32
N SER C 123 40.58 -16.14 -19.93
CA SER C 123 39.53 -16.80 -20.68
C SER C 123 39.54 -16.36 -22.15
N ASN C 124 39.06 -17.24 -23.03
CA ASN C 124 38.92 -16.90 -24.44
C ASN C 124 37.52 -16.32 -24.57
N THR C 125 36.91 -16.02 -23.43
CA THR C 125 35.58 -15.46 -23.40
C THR C 125 35.57 -14.31 -22.41
N PRO C 126 36.22 -13.19 -22.76
CA PRO C 126 36.23 -12.06 -21.83
C PRO C 126 34.82 -11.59 -21.53
N LEU C 127 34.62 -11.04 -20.32
CA LEU C 127 33.32 -10.55 -19.89
C LEU C 127 33.17 -9.11 -20.37
N ARG C 128 32.14 -8.86 -21.17
CA ARG C 128 31.87 -7.52 -21.70
C ARG C 128 31.17 -6.69 -20.62
N VAL C 129 31.87 -5.69 -20.09
CA VAL C 129 31.27 -4.86 -19.06
C VAL C 129 31.14 -3.39 -19.45
N HIS C 130 30.00 -2.80 -19.10
CA HIS C 130 29.77 -1.38 -19.36
C HIS C 130 29.72 -0.73 -17.98
N LEU C 131 30.59 0.26 -17.75
CA LEU C 131 30.62 0.91 -16.45
C LEU C 131 29.62 2.07 -16.41
N LYS C 132 28.81 2.12 -15.36
CA LYS C 132 27.85 3.20 -15.27
C LYS C 132 28.32 4.26 -14.29
N VAL C 133 28.32 5.50 -14.75
CA VAL C 133 28.70 6.61 -13.88
C VAL C 133 27.40 7.35 -13.58
N ASP C 134 27.15 7.77 -12.38
CA ASP C 134 25.94 8.28 -11.98
C ASP C 134 26.14 9.67 -11.76
N THR C 135 25.71 10.52 -12.57
CA THR C 135 25.90 11.97 -12.48
C THR C 135 24.52 12.61 -12.26
N GLY C 136 23.65 12.01 -11.44
CA GLY C 136 22.36 12.65 -11.22
C GLY C 136 21.10 11.84 -10.99
N MET C 137 21.06 10.61 -11.49
CA MET C 137 19.87 9.77 -11.32
C MET C 137 19.81 9.27 -9.88
N GLY C 138 20.98 9.16 -9.24
CA GLY C 138 21.03 8.71 -7.86
C GLY C 138 20.68 7.25 -7.63
N ARG C 139 20.53 6.49 -8.70
CA ARG C 139 20.21 5.07 -8.58
C ARG C 139 21.47 4.23 -8.35
N ILE C 140 22.24 4.02 -9.41
CA ILE C 140 23.45 3.21 -9.33
C ILE C 140 24.56 3.78 -10.21
N GLY C 141 25.81 3.45 -9.87
CA GLY C 141 26.93 3.93 -10.63
C GLY C 141 28.08 4.52 -9.82
N PHE C 142 29.16 4.88 -10.50
CA PHE C 142 30.31 5.46 -9.82
C PHE C 142 30.12 6.95 -9.68
N LEU C 143 30.50 7.48 -8.52
CA LEU C 143 30.39 8.91 -8.22
C LEU C 143 31.80 9.52 -8.41
N THR C 144 32.47 9.03 -9.45
CA THR C 144 33.82 9.43 -9.86
C THR C 144 33.70 10.87 -10.36
N PRO C 145 34.77 11.50 -10.92
CA PRO C 145 35.85 11.21 -11.88
C PRO C 145 36.98 10.25 -11.48
N GLU C 146 37.31 10.18 -10.20
CA GLU C 146 38.38 9.29 -9.80
C GLU C 146 37.94 7.83 -9.75
N GLU C 147 36.79 7.58 -9.13
CA GLU C 147 36.26 6.22 -9.00
C GLU C 147 36.14 5.45 -10.31
N THR C 148 35.71 6.12 -11.37
CA THR C 148 35.58 5.47 -12.66
C THR C 148 36.97 5.21 -13.20
N LYS C 149 37.82 6.23 -13.15
CA LYS C 149 39.18 6.10 -13.65
C LYS C 149 39.83 4.86 -13.04
N GLN C 150 39.49 4.59 -11.79
CA GLN C 150 40.04 3.43 -11.11
C GLN C 150 39.34 2.16 -11.59
N ALA C 151 38.05 2.26 -11.84
CA ALA C 151 37.27 1.11 -12.31
C ALA C 151 37.74 0.69 -13.69
N VAL C 152 37.87 1.65 -14.59
CA VAL C 152 38.33 1.37 -15.94
C VAL C 152 39.70 0.71 -15.97
N ARG C 153 40.71 1.38 -15.45
CA ARG C 153 42.07 0.84 -15.47
C ARG C 153 42.13 -0.57 -14.87
N PHE C 154 41.29 -0.83 -13.87
CA PHE C 154 41.24 -2.15 -13.27
C PHE C 154 40.68 -3.12 -14.30
N VAL C 155 39.65 -2.68 -15.02
CA VAL C 155 39.01 -3.51 -16.04
C VAL C 155 39.99 -3.87 -17.15
N GLN C 156 40.91 -2.96 -17.45
CA GLN C 156 41.89 -3.21 -18.49
C GLN C 156 43.10 -3.97 -17.97
N SER C 157 43.26 -3.97 -16.64
CA SER C 157 44.37 -4.67 -16.01
C SER C 157 44.11 -6.16 -16.00
N HIS C 158 43.04 -6.60 -16.65
CA HIS C 158 42.70 -8.03 -16.65
C HIS C 158 42.04 -8.54 -17.93
N LYS C 159 42.80 -9.35 -18.68
CA LYS C 159 42.35 -9.93 -19.94
C LYS C 159 41.01 -10.64 -19.74
N GLU C 160 40.70 -11.01 -18.51
CA GLU C 160 39.45 -11.71 -18.21
C GLU C 160 38.28 -10.79 -18.53
N PHE C 161 38.54 -9.49 -18.49
CA PHE C 161 37.53 -8.49 -18.78
C PHE C 161 37.70 -7.90 -20.17
N LEU C 162 36.69 -7.12 -20.55
CA LEU C 162 36.66 -6.44 -21.84
C LEU C 162 35.61 -5.39 -21.63
N TRP C 163 36.01 -4.12 -21.62
CA TRP C 163 35.01 -3.09 -21.40
C TRP C 163 34.50 -2.50 -22.70
N GLU C 164 33.26 -2.90 -22.99
CA GLU C 164 32.53 -2.53 -24.17
C GLU C 164 32.08 -1.06 -24.12
N GLY C 165 31.71 -0.59 -22.94
CA GLY C 165 31.28 0.79 -22.85
C GLY C 165 31.34 1.46 -21.50
N ILE C 166 30.85 2.70 -21.47
CA ILE C 166 30.79 3.50 -20.27
C ILE C 166 29.58 4.38 -20.51
N PHE C 167 28.63 4.40 -19.57
CA PHE C 167 27.42 5.16 -19.81
C PHE C 167 26.81 5.79 -18.56
N THR C 168 25.90 6.72 -18.79
CA THR C 168 25.17 7.39 -17.70
C THR C 168 23.71 7.40 -18.15
N HIS C 169 22.82 7.91 -17.29
CA HIS C 169 21.39 7.97 -17.63
C HIS C 169 20.79 9.24 -17.06
N PHE C 170 20.00 9.96 -17.88
CA PHE C 170 19.39 11.23 -17.47
C PHE C 170 18.04 11.02 -16.78
N SER C 171 17.80 11.76 -15.69
CA SER C 171 16.54 11.64 -14.95
C SER C 171 15.46 12.64 -15.39
N THR C 172 15.87 13.73 -16.06
CA THR C 172 14.91 14.73 -16.49
C THR C 172 15.07 15.18 -17.93
N ALA C 173 15.30 14.23 -18.82
CA ALA C 173 15.47 14.57 -20.23
C ALA C 173 14.13 14.93 -20.85
N ASP C 174 13.04 14.52 -20.22
CA ASP C 174 11.71 14.84 -20.72
C ASP C 174 11.13 16.08 -20.04
N GLU C 175 12.00 16.85 -19.39
CA GLU C 175 11.56 18.04 -18.68
C GLU C 175 11.76 19.32 -19.49
N ILE C 176 10.82 20.25 -19.34
CA ILE C 176 10.84 21.55 -20.04
C ILE C 176 12.08 22.35 -19.61
N ASP C 177 12.33 22.37 -18.32
CA ASP C 177 13.49 23.05 -17.74
C ASP C 177 14.65 22.07 -17.91
N THR C 178 15.69 22.50 -18.61
CA THR C 178 16.85 21.64 -18.88
C THR C 178 18.05 21.85 -17.97
N SER C 179 17.90 22.70 -16.96
CA SER C 179 19.00 22.97 -16.03
C SER C 179 19.62 21.72 -15.41
N TYR C 180 18.79 20.85 -14.84
CA TYR C 180 19.31 19.64 -14.21
C TYR C 180 20.00 18.74 -15.21
N PHE C 181 19.40 18.60 -16.39
CA PHE C 181 19.96 17.77 -17.45
C PHE C 181 21.39 18.20 -17.76
N GLU C 182 21.57 19.50 -17.99
CA GLU C 182 22.88 20.03 -18.32
C GLU C 182 23.91 19.73 -17.26
N LYS C 183 23.46 19.55 -16.02
CA LYS C 183 24.34 19.24 -14.91
C LYS C 183 24.80 17.79 -15.00
N GLN C 184 23.87 16.89 -15.30
CA GLN C 184 24.24 15.49 -15.41
C GLN C 184 25.29 15.33 -16.51
N ALA C 185 25.09 16.01 -17.63
CA ALA C 185 26.03 15.94 -18.74
C ALA C 185 27.40 16.46 -18.31
N GLY C 186 27.39 17.53 -17.53
CA GLY C 186 28.64 18.09 -17.05
C GLY C 186 29.38 17.02 -16.27
N ARG C 187 28.67 16.38 -15.34
CA ARG C 187 29.23 15.33 -14.52
C ARG C 187 29.75 14.15 -15.34
N PHE C 188 29.13 13.89 -16.49
CA PHE C 188 29.56 12.79 -17.32
C PHE C 188 30.79 13.23 -18.09
N LYS C 189 30.76 14.45 -18.60
CA LYS C 189 31.90 15.03 -19.31
C LYS C 189 33.11 15.12 -18.40
N ALA C 190 32.89 15.59 -17.17
CA ALA C 190 34.00 15.90 -16.27
C ALA C 190 34.92 14.71 -16.07
N VAL C 191 34.60 13.61 -16.75
CA VAL C 191 34.69 12.29 -16.15
C VAL C 191 35.05 11.23 -17.20
N LEU C 192 34.64 11.45 -18.42
CA LEU C 192 35.35 10.91 -19.55
C LEU C 192 36.63 11.66 -19.84
N ALA C 193 36.86 12.65 -19.03
CA ALA C 193 37.73 13.70 -19.35
C ALA C 193 38.96 13.30 -18.63
N VAL C 194 38.75 12.55 -17.60
CA VAL C 194 39.80 12.16 -16.79
C VAL C 194 40.42 10.91 -17.29
N LEU C 195 39.85 10.32 -18.32
CA LEU C 195 40.35 9.10 -18.94
C LEU C 195 41.27 9.36 -20.10
N GLU C 196 41.90 8.33 -20.65
CA GLU C 196 42.70 8.54 -21.85
C GLU C 196 42.28 7.59 -22.97
N GLU C 197 41.37 6.67 -22.64
CA GLU C 197 40.86 5.72 -23.62
C GLU C 197 39.35 5.65 -23.49
N LEU C 198 38.67 5.42 -24.61
CA LEU C 198 37.23 5.31 -24.62
C LEU C 198 36.85 3.98 -25.28
N PRO C 199 35.87 3.28 -24.71
CA PRO C 199 35.39 1.99 -25.23
C PRO C 199 34.71 2.20 -26.57
N ARG C 200 34.10 1.16 -27.12
CA ARG C 200 33.43 1.28 -28.42
C ARG C 200 32.04 1.88 -28.27
N TYR C 201 31.45 1.75 -27.09
CA TYR C 201 30.11 2.25 -26.81
C TYR C 201 30.05 3.28 -25.70
N VAL C 202 29.84 4.53 -26.08
CA VAL C 202 29.71 5.61 -25.11
C VAL C 202 28.28 6.13 -25.28
N HIS C 203 27.41 5.73 -24.35
CA HIS C 203 26.00 6.08 -24.42
C HIS C 203 25.41 6.84 -23.24
N VAL C 204 24.46 7.73 -23.52
CA VAL C 204 23.83 8.49 -22.46
C VAL C 204 22.36 8.80 -22.75
N SER C 205 21.94 8.60 -23.99
CA SER C 205 20.59 8.93 -24.40
C SER C 205 19.51 7.87 -24.33
N ASN C 206 18.31 8.34 -23.99
CA ASN C 206 17.11 7.52 -23.92
C ASN C 206 16.17 8.17 -24.94
N SER C 207 14.91 7.75 -25.00
CA SER C 207 13.97 8.32 -25.96
C SER C 207 13.97 9.84 -25.92
N ALA C 208 13.68 10.39 -24.74
CA ALA C 208 13.62 11.83 -24.56
C ALA C 208 14.90 12.56 -24.98
N THR C 209 16.06 12.08 -24.54
CA THR C 209 17.30 12.75 -24.91
C THR C 209 17.45 12.76 -26.42
N ALA C 210 17.25 11.60 -27.03
CA ALA C 210 17.34 11.45 -28.48
C ALA C 210 16.40 12.41 -29.21
N LEU C 211 15.21 12.61 -28.64
CA LEU C 211 14.24 13.50 -29.26
C LEU C 211 14.43 14.99 -28.97
N TRP C 212 14.99 15.35 -27.82
CA TRP C 212 15.10 16.77 -27.52
C TRP C 212 16.47 17.34 -27.13
N HIS C 213 17.48 16.48 -27.13
CA HIS C 213 18.85 16.88 -26.84
C HIS C 213 19.75 16.04 -27.75
N PRO C 214 19.55 16.16 -29.07
CA PRO C 214 20.30 15.44 -30.10
C PRO C 214 21.81 15.68 -30.11
N ASP C 215 22.19 16.95 -30.05
CA ASP C 215 23.61 17.30 -30.07
C ASP C 215 24.23 17.02 -28.70
N VAL C 216 24.32 15.74 -28.35
CA VAL C 216 24.90 15.34 -27.07
C VAL C 216 25.94 14.24 -27.29
N PRO C 217 27.13 14.38 -26.66
CA PRO C 217 28.20 13.38 -26.80
C PRO C 217 27.68 11.96 -26.75
N GLY C 218 28.36 11.04 -27.44
CA GLY C 218 27.96 9.65 -27.44
C GLY C 218 27.84 9.08 -28.83
N ASN C 219 27.96 7.76 -28.95
CA ASN C 219 27.86 7.11 -30.24
C ASN C 219 26.83 5.98 -30.26
N MET C 220 26.06 5.84 -29.19
CA MET C 220 25.04 4.79 -29.12
C MET C 220 23.86 5.24 -28.26
N ILE C 221 22.63 5.09 -28.76
CA ILE C 221 21.48 5.51 -27.96
C ILE C 221 20.58 4.34 -27.55
N ARG C 222 20.10 4.40 -26.30
CA ARG C 222 19.22 3.36 -25.78
C ARG C 222 17.79 3.85 -25.99
N TYR C 223 17.20 3.38 -27.09
CA TYR C 223 15.85 3.77 -27.49
C TYR C 223 14.76 2.89 -26.87
N GLY C 224 13.93 3.52 -26.04
CA GLY C 224 12.86 2.82 -25.39
C GLY C 224 11.45 3.16 -25.87
N VAL C 225 10.62 3.69 -24.97
CA VAL C 225 9.23 4.04 -25.25
C VAL C 225 8.93 4.61 -26.62
N ALA C 226 9.77 5.51 -27.10
CA ALA C 226 9.55 6.13 -28.39
C ALA C 226 9.35 5.10 -29.48
N MET C 227 10.00 3.94 -29.38
CA MET C 227 9.84 2.97 -30.45
C MET C 227 8.50 2.25 -30.45
N TYR C 228 7.72 2.42 -29.38
CA TYR C 228 6.40 1.80 -29.31
C TYR C 228 5.36 2.88 -29.64
N GLY C 229 5.86 4.01 -30.15
CA GLY C 229 4.98 5.10 -30.54
C GLY C 229 4.50 6.04 -29.44
N LEU C 230 5.06 5.90 -28.25
CA LEU C 230 4.65 6.73 -27.12
C LEU C 230 5.56 7.91 -26.83
N ASN C 231 4.95 9.08 -26.70
CA ASN C 231 5.66 10.30 -26.40
C ASN C 231 6.32 10.09 -25.05
N PRO C 232 7.65 10.16 -25.00
CA PRO C 232 8.30 9.96 -23.71
C PRO C 232 7.98 11.02 -22.67
N SER C 233 7.58 12.20 -23.12
CA SER C 233 7.28 13.29 -22.20
C SER C 233 5.80 13.46 -21.86
N GLY C 234 5.00 12.39 -22.02
CA GLY C 234 3.59 12.49 -21.74
C GLY C 234 2.87 13.37 -22.76
N ASN C 235 2.71 14.64 -22.41
CA ASN C 235 2.08 15.58 -23.33
C ASN C 235 2.69 16.95 -23.07
N LYS C 236 3.90 16.92 -22.54
CA LYS C 236 4.68 18.10 -22.20
C LYS C 236 5.43 18.69 -23.39
N LEU C 237 5.83 17.83 -24.32
CA LEU C 237 6.57 18.25 -25.50
C LEU C 237 6.14 17.46 -26.73
N ALA C 238 6.51 17.96 -27.90
CA ALA C 238 6.18 17.29 -29.16
C ALA C 238 7.39 16.52 -29.68
N PRO C 239 7.21 15.25 -30.07
CA PRO C 239 8.37 14.51 -30.57
C PRO C 239 8.96 15.24 -31.77
N SER C 240 10.18 14.90 -32.15
CA SER C 240 10.83 15.56 -33.27
C SER C 240 10.30 15.01 -34.58
N TYR C 241 9.55 13.92 -34.49
CA TYR C 241 8.97 13.30 -35.66
C TYR C 241 7.74 12.51 -35.21
N ALA C 242 6.72 12.44 -36.04
CA ALA C 242 5.49 11.74 -35.70
C ALA C 242 5.69 10.29 -35.30
N LEU C 243 5.53 9.99 -34.01
CA LEU C 243 5.66 8.61 -33.53
C LEU C 243 4.41 7.88 -34.02
N LYS C 244 4.41 6.55 -33.94
CA LYS C 244 3.27 5.78 -34.40
C LYS C 244 2.87 4.70 -33.41
N PRO C 245 1.75 4.89 -32.70
CA PRO C 245 1.24 3.94 -31.71
C PRO C 245 1.26 2.48 -32.17
N ALA C 246 1.86 1.62 -31.35
CA ALA C 246 1.97 0.21 -31.69
C ALA C 246 1.05 -0.73 -30.89
N LEU C 247 0.31 -0.18 -29.95
CA LEU C 247 -0.56 -0.98 -29.08
C LEU C 247 -2.01 -0.62 -29.23
N ARG C 248 -2.87 -1.63 -29.34
CA ARG C 248 -4.31 -1.42 -29.43
C ARG C 248 -4.93 -2.43 -28.48
N LEU C 249 -6.00 -2.05 -27.79
CA LEU C 249 -6.65 -2.94 -26.83
C LEU C 249 -8.10 -3.10 -27.20
N THR C 250 -8.48 -4.32 -27.54
CA THR C 250 -9.83 -4.63 -27.98
C THR C 250 -10.57 -5.64 -27.13
N SER C 251 -11.90 -5.53 -27.12
CA SER C 251 -12.75 -6.47 -26.39
C SER C 251 -14.11 -6.48 -27.05
N GLU C 252 -15.14 -6.97 -26.36
CA GLU C 252 -16.46 -7.03 -26.96
C GLU C 252 -17.58 -7.16 -25.94
N LEU C 253 -18.74 -6.59 -26.25
CA LEU C 253 -19.89 -6.66 -25.37
C LEU C 253 -20.31 -8.13 -25.34
N ILE C 254 -20.49 -8.70 -24.16
CA ILE C 254 -20.90 -10.09 -24.09
C ILE C 254 -22.25 -10.20 -23.38
N HIS C 255 -22.87 -9.06 -23.16
CA HIS C 255 -24.16 -9.01 -22.49
C HIS C 255 -24.65 -7.59 -22.53
N VAL C 256 -25.89 -7.41 -22.94
CA VAL C 256 -26.50 -6.09 -23.02
C VAL C 256 -27.88 -6.19 -22.41
N LYS C 257 -28.19 -5.28 -21.50
CA LYS C 257 -29.48 -5.29 -20.84
C LYS C 257 -29.92 -3.88 -20.47
N ARG C 258 -31.23 -3.69 -20.40
CA ARG C 258 -31.77 -2.40 -20.05
C ARG C 258 -32.18 -2.44 -18.59
N LEU C 259 -31.86 -1.37 -17.87
CA LEU C 259 -32.16 -1.25 -16.46
C LEU C 259 -33.08 -0.06 -16.21
N ALA C 260 -33.95 -0.20 -15.21
CA ALA C 260 -34.88 0.86 -14.84
C ALA C 260 -34.14 1.94 -14.07
N ALA C 261 -34.70 3.14 -14.03
CA ALA C 261 -34.05 4.22 -13.29
C ALA C 261 -34.03 3.80 -11.83
N GLY C 262 -33.03 4.27 -11.08
CA GLY C 262 -32.93 3.94 -9.67
C GLY C 262 -32.23 2.64 -9.29
N GLU C 263 -31.69 1.93 -10.28
CA GLU C 263 -31.01 0.68 -9.99
C GLU C 263 -29.51 0.90 -9.78
N GLY C 264 -28.99 0.24 -8.74
CA GLY C 264 -27.57 0.35 -8.43
C GLY C 264 -26.79 -0.68 -9.20
N ILE C 265 -25.56 -0.34 -9.60
CA ILE C 265 -24.73 -1.27 -10.34
C ILE C 265 -23.28 -1.30 -9.85
N GLY C 266 -22.74 -2.51 -9.71
CA GLY C 266 -21.38 -2.66 -9.26
C GLY C 266 -21.26 -2.77 -7.74
N TYR C 267 -20.04 -3.01 -7.27
CA TYR C 267 -19.77 -3.14 -5.85
C TYR C 267 -19.98 -1.82 -5.13
N GLY C 268 -20.49 -1.88 -3.90
CA GLY C 268 -20.73 -0.68 -3.13
C GLY C 268 -21.84 0.19 -3.71
N GLU C 269 -22.38 -0.22 -4.84
CA GLU C 269 -23.43 0.53 -5.51
C GLU C 269 -22.96 1.98 -5.65
N THR C 270 -21.80 2.17 -6.25
CA THR C 270 -21.26 3.51 -6.43
C THR C 270 -22.05 4.24 -7.51
N TYR C 271 -22.71 3.48 -8.37
CA TYR C 271 -23.50 4.04 -9.45
C TYR C 271 -24.98 3.64 -9.40
N VAL C 272 -25.87 4.60 -9.69
CA VAL C 272 -27.31 4.33 -9.73
C VAL C 272 -27.91 4.93 -11.00
N THR C 273 -28.65 4.12 -11.74
CA THR C 273 -29.28 4.57 -12.97
C THR C 273 -30.10 5.82 -12.72
N GLU C 274 -30.02 6.77 -13.66
CA GLU C 274 -30.75 8.02 -13.56
C GLU C 274 -32.05 7.90 -14.36
N ALA C 275 -32.11 6.92 -15.25
CA ALA C 275 -33.28 6.67 -16.09
C ALA C 275 -33.07 5.41 -16.90
N GLU C 276 -33.99 5.12 -17.81
CA GLU C 276 -33.87 3.96 -18.66
C GLU C 276 -32.46 3.99 -19.24
N GLU C 277 -31.69 2.96 -18.95
CA GLU C 277 -30.30 2.89 -19.44
C GLU C 277 -29.96 1.54 -20.00
N TRP C 278 -29.12 1.53 -21.03
CA TRP C 278 -28.68 0.30 -21.65
C TRP C 278 -27.28 -0.02 -21.15
N ILE C 279 -27.17 -1.09 -20.37
CA ILE C 279 -25.88 -1.45 -19.81
C ILE C 279 -25.25 -2.69 -20.47
N GLY C 280 -24.02 -2.50 -20.96
CA GLY C 280 -23.31 -3.59 -21.61
C GLY C 280 -22.15 -4.11 -20.77
N THR C 281 -21.95 -5.42 -20.78
CA THR C 281 -20.88 -6.03 -20.00
C THR C 281 -19.66 -6.34 -20.86
N VAL C 282 -18.50 -5.87 -20.41
CA VAL C 282 -17.25 -6.07 -21.13
C VAL C 282 -16.36 -7.01 -20.34
N PRO C 283 -15.82 -8.05 -20.99
CA PRO C 283 -14.94 -9.06 -20.37
C PRO C 283 -13.47 -8.69 -20.15
N ILE C 284 -13.23 -7.62 -19.40
CA ILE C 284 -11.88 -7.17 -19.04
C ILE C 284 -12.03 -6.50 -17.68
N GLY C 285 -11.13 -6.83 -16.76
CA GLY C 285 -11.20 -6.26 -15.42
C GLY C 285 -9.84 -5.79 -14.95
N TYR C 286 -9.72 -5.43 -13.68
CA TYR C 286 -8.43 -4.98 -13.20
C TYR C 286 -7.38 -6.08 -13.19
N ALA C 287 -7.76 -7.32 -12.92
CA ALA C 287 -6.80 -8.43 -12.92
C ALA C 287 -6.12 -8.57 -14.29
N ASP C 288 -6.65 -7.84 -15.27
CA ASP C 288 -6.10 -7.85 -16.63
C ASP C 288 -5.28 -6.59 -16.81
N GLY C 289 -5.36 -5.69 -15.84
CA GLY C 289 -4.63 -4.44 -15.95
C GLY C 289 -5.52 -3.23 -16.14
N TRP C 290 -6.81 -3.48 -16.40
CA TRP C 290 -7.78 -2.39 -16.58
C TRP C 290 -8.14 -2.02 -15.14
N LEU C 291 -7.30 -1.20 -14.52
CA LEU C 291 -7.48 -0.80 -13.13
C LEU C 291 -8.84 -0.20 -12.74
N ARG C 292 -9.14 -0.31 -11.45
CA ARG C 292 -10.39 0.19 -10.87
C ARG C 292 -10.56 1.68 -11.03
N HIS C 293 -9.47 2.44 -10.89
CA HIS C 293 -9.57 3.89 -11.02
C HIS C 293 -9.93 4.37 -12.41
N LEU C 294 -10.36 3.46 -13.27
CA LEU C 294 -10.75 3.82 -14.62
C LEU C 294 -12.25 4.10 -14.79
N GLN C 295 -13.02 3.93 -13.72
CA GLN C 295 -14.47 4.15 -13.77
C GLN C 295 -15.02 5.22 -14.71
N GLY C 296 -14.70 6.48 -14.48
CA GLY C 296 -15.28 7.48 -15.38
C GLY C 296 -14.78 7.50 -16.82
N PHE C 297 -13.78 6.68 -17.13
CA PHE C 297 -13.18 6.65 -18.46
C PHE C 297 -14.23 6.19 -19.46
N THR C 298 -14.02 6.49 -20.74
CA THR C 298 -14.96 6.10 -21.76
C THR C 298 -14.26 5.28 -22.83
N VAL C 299 -14.89 4.20 -23.24
CA VAL C 299 -14.32 3.34 -24.27
C VAL C 299 -15.17 3.48 -25.51
N LEU C 300 -14.74 2.86 -26.61
CA LEU C 300 -15.44 2.98 -27.86
C LEU C 300 -16.21 1.76 -28.34
N VAL C 301 -17.38 2.04 -28.92
CA VAL C 301 -18.28 1.04 -29.52
C VAL C 301 -18.99 1.75 -30.67
N ASN C 302 -18.95 1.14 -31.85
CA ASN C 302 -19.55 1.69 -33.06
C ASN C 302 -19.22 3.18 -33.23
N GLY C 303 -17.98 3.53 -32.94
CA GLY C 303 -17.51 4.89 -33.09
C GLY C 303 -18.01 5.90 -32.08
N LYS C 304 -18.65 5.44 -31.01
CA LYS C 304 -19.15 6.36 -29.99
C LYS C 304 -18.62 6.07 -28.59
N ARG C 305 -18.38 7.12 -27.81
CA ARG C 305 -17.87 6.98 -26.46
C ARG C 305 -18.93 6.45 -25.49
N CYS C 306 -18.51 5.58 -24.58
CA CYS C 306 -19.39 4.99 -23.60
C CYS C 306 -18.72 5.03 -22.23
N GLU C 307 -19.41 5.62 -21.26
CA GLU C 307 -18.88 5.72 -19.90
C GLU C 307 -18.84 4.37 -19.21
N ILE C 308 -17.72 4.08 -18.56
CA ILE C 308 -17.61 2.71 -17.79
C ILE C 308 -18.42 3.36 -16.68
N VAL C 309 -19.47 2.68 -16.24
CA VAL C 309 -20.17 2.98 -15.00
C VAL C 309 -20.17 2.05 -13.87
N GLY C 310 -19.99 2.39 -12.60
CA GLY C 310 -19.93 1.37 -11.57
C GLY C 310 -18.52 0.82 -11.38
N ARG C 311 -18.31 0.13 -10.28
CA ARG C 311 -16.97 -0.40 -10.00
C ARG C 311 -16.43 -1.42 -11.01
N VAL C 312 -15.21 -1.20 -11.46
CA VAL C 312 -14.57 -2.11 -12.39
C VAL C 312 -14.33 -3.39 -11.60
N CYS C 313 -14.80 -4.52 -12.11
CA CYS C 313 -14.59 -5.78 -11.41
C CYS C 313 -13.22 -6.39 -11.71
N MET C 314 -12.97 -7.55 -11.13
CA MET C 314 -11.70 -8.21 -11.36
C MET C 314 -11.60 -8.66 -12.80
N ASP C 315 -12.68 -9.22 -13.33
CA ASP C 315 -12.68 -9.74 -14.71
C ASP C 315 -13.61 -9.08 -15.72
N GLN C 316 -14.24 -7.96 -15.34
CA GLN C 316 -15.14 -7.26 -16.24
C GLN C 316 -15.64 -5.91 -15.70
N CYS C 317 -16.19 -5.09 -16.57
CA CYS C 317 -16.73 -3.79 -16.19
C CYS C 317 -17.98 -3.49 -17.00
N MET C 318 -18.75 -2.51 -16.55
CA MET C 318 -20.00 -2.15 -17.24
C MET C 318 -19.93 -0.78 -17.91
N ILE C 319 -20.44 -0.69 -19.12
CA ILE C 319 -20.47 0.57 -19.84
C ILE C 319 -21.91 0.89 -20.20
N ARG C 320 -22.28 2.15 -20.05
CA ARG C 320 -23.62 2.61 -20.38
C ARG C 320 -23.59 2.84 -21.88
N LEU C 321 -24.37 2.06 -22.60
CA LEU C 321 -24.42 2.19 -24.05
C LEU C 321 -25.30 3.36 -24.42
N ALA C 322 -25.08 3.90 -25.61
CA ALA C 322 -25.86 5.05 -26.10
C ALA C 322 -27.26 4.61 -26.51
N GLU C 323 -27.32 3.81 -27.55
CA GLU C 323 -28.60 3.32 -28.04
C GLU C 323 -28.54 1.81 -28.02
N GLU C 324 -29.70 1.18 -27.99
CA GLU C 324 -29.80 -0.28 -27.95
C GLU C 324 -28.85 -0.91 -28.97
N VAL C 325 -28.15 -1.95 -28.52
CA VAL C 325 -27.18 -2.65 -29.35
C VAL C 325 -27.12 -4.11 -28.96
N PRO C 326 -26.89 -5.00 -29.94
CA PRO C 326 -26.82 -6.42 -29.62
C PRO C 326 -25.46 -6.69 -28.98
N VAL C 327 -25.26 -7.89 -28.47
CA VAL C 327 -23.98 -8.22 -27.89
C VAL C 327 -23.15 -8.60 -29.09
N GLY C 328 -21.83 -8.44 -29.01
CA GLY C 328 -21.00 -8.82 -30.15
C GLY C 328 -20.20 -7.69 -30.77
N PRO C 329 -20.76 -6.47 -30.82
CA PRO C 329 -19.96 -5.41 -31.42
C PRO C 329 -18.66 -5.20 -30.64
N VAL C 330 -17.57 -4.99 -31.36
CA VAL C 330 -16.25 -4.80 -30.75
C VAL C 330 -16.12 -3.52 -29.93
N VAL C 331 -15.52 -3.66 -28.76
CA VAL C 331 -15.31 -2.55 -27.86
C VAL C 331 -13.84 -2.14 -27.90
N THR C 332 -13.57 -0.91 -28.33
CA THR C 332 -12.20 -0.42 -28.40
C THR C 332 -11.80 0.30 -27.13
N LEU C 333 -10.96 -0.34 -26.33
CA LEU C 333 -10.50 0.26 -25.09
C LEU C 333 -9.39 1.27 -25.37
N VAL C 334 -8.44 0.87 -26.21
CA VAL C 334 -7.32 1.71 -26.61
C VAL C 334 -7.22 1.56 -28.13
N GLY C 335 -7.15 2.68 -28.84
CA GLY C 335 -7.07 2.63 -30.29
C GLY C 335 -8.06 3.58 -30.93
N LYS C 336 -8.19 3.51 -32.26
CA LYS C 336 -9.11 4.39 -32.99
C LYS C 336 -10.35 3.65 -33.45
N ASP C 337 -11.43 4.40 -33.62
CA ASP C 337 -12.72 3.87 -34.08
C ASP C 337 -13.59 5.08 -34.43
N GLY C 338 -13.90 5.24 -35.71
CA GLY C 338 -14.68 6.39 -36.13
C GLY C 338 -13.77 7.60 -35.99
N ASN C 339 -14.31 8.73 -35.57
CA ASN C 339 -13.52 9.95 -35.40
C ASN C 339 -12.87 10.03 -34.02
N GLU C 340 -13.18 9.07 -33.15
CA GLU C 340 -12.63 9.07 -31.80
C GLU C 340 -11.44 8.11 -31.63
N GLU C 341 -10.58 8.43 -30.67
CA GLU C 341 -9.42 7.60 -30.39
C GLU C 341 -9.03 7.62 -28.90
N ASN C 342 -8.68 6.44 -28.37
CA ASN C 342 -8.26 6.34 -26.98
C ASN C 342 -6.74 6.11 -26.93
N THR C 343 -6.02 7.11 -26.45
CA THR C 343 -4.57 7.06 -26.34
C THR C 343 -4.10 6.46 -25.02
N LEU C 344 -2.98 5.74 -25.03
CA LEU C 344 -2.48 5.18 -23.78
C LEU C 344 -2.22 6.36 -22.85
N GLN C 345 -1.85 7.50 -23.43
CA GLN C 345 -1.61 8.71 -22.65
C GLN C 345 -2.92 9.07 -21.95
N MET C 346 -4.04 8.93 -22.66
CA MET C 346 -5.32 9.25 -22.05
C MET C 346 -5.56 8.34 -20.85
N VAL C 347 -5.34 7.04 -21.02
CA VAL C 347 -5.53 6.09 -19.92
C VAL C 347 -4.60 6.47 -18.76
N ALA C 348 -3.34 6.76 -19.07
CA ALA C 348 -2.38 7.13 -18.03
C ALA C 348 -2.88 8.31 -17.18
N GLU C 349 -3.35 9.34 -17.87
CA GLU C 349 -3.86 10.55 -17.23
C GLU C 349 -5.05 10.25 -16.33
N LYS C 350 -5.91 9.35 -16.76
CA LYS C 350 -7.05 8.99 -15.94
C LYS C 350 -6.54 8.28 -14.68
N LEU C 351 -5.43 7.55 -14.82
CA LEU C 351 -4.83 6.81 -13.72
C LEU C 351 -3.77 7.63 -12.96
N GLU C 352 -3.53 8.84 -13.45
CA GLU C 352 -2.56 9.75 -12.85
C GLU C 352 -1.15 9.16 -12.83
N THR C 353 -0.77 8.52 -13.93
CA THR C 353 0.55 7.93 -14.08
C THR C 353 1.06 8.25 -15.47
N ILE C 354 1.99 7.42 -15.95
CA ILE C 354 2.55 7.59 -17.28
C ILE C 354 2.31 6.30 -18.07
N HIS C 355 2.11 6.42 -19.38
CA HIS C 355 1.84 5.23 -20.15
C HIS C 355 2.86 4.11 -19.92
N TYR C 356 4.08 4.47 -19.49
CA TYR C 356 5.11 3.47 -19.21
C TYR C 356 4.47 2.40 -18.36
N GLU C 357 3.83 2.82 -17.28
CA GLU C 357 3.21 1.90 -16.33
C GLU C 357 1.95 1.21 -16.88
N VAL C 358 1.09 1.95 -17.56
CA VAL C 358 -0.13 1.34 -18.09
C VAL C 358 0.19 0.14 -18.96
N ALA C 359 1.09 0.34 -19.92
CA ALA C 359 1.47 -0.73 -20.83
C ALA C 359 2.07 -1.92 -20.09
N CYS C 360 2.88 -1.64 -19.08
CA CYS C 360 3.49 -2.73 -18.32
C CYS C 360 2.50 -3.43 -17.39
N THR C 361 1.35 -2.83 -17.15
CA THR C 361 0.40 -3.45 -16.24
C THR C 361 -0.57 -4.41 -16.89
N PHE C 362 -0.66 -4.34 -18.21
CA PHE C 362 -1.57 -5.24 -18.91
C PHE C 362 -1.14 -6.70 -18.65
N SER C 363 -2.00 -7.43 -17.96
CA SER C 363 -1.74 -8.84 -17.62
C SER C 363 -1.42 -9.74 -18.82
N GLN C 364 -0.76 -10.87 -18.54
CA GLN C 364 -0.42 -11.82 -19.60
C GLN C 364 -1.68 -12.60 -19.94
N ARG C 365 -2.69 -12.47 -19.09
CA ARG C 365 -3.96 -13.15 -19.31
C ARG C 365 -4.61 -12.60 -20.58
N ILE C 366 -4.13 -11.46 -21.06
CA ILE C 366 -4.67 -10.89 -22.29
C ILE C 366 -3.77 -11.28 -23.43
N PRO C 367 -4.28 -12.10 -24.37
CA PRO C 367 -3.51 -12.55 -25.53
C PRO C 367 -3.04 -11.39 -26.42
N ARG C 368 -1.77 -11.43 -26.82
CA ARG C 368 -1.23 -10.41 -27.70
C ARG C 368 -1.10 -10.99 -29.11
N GLU C 369 -1.57 -10.25 -30.10
CA GLU C 369 -1.48 -10.69 -31.49
C GLU C 369 -0.67 -9.68 -32.30
N TYR C 370 0.25 -10.19 -33.10
CA TYR C 370 1.11 -9.34 -33.92
C TYR C 370 0.76 -9.51 -35.40
N ASN C 371 0.78 -8.40 -36.14
CA ASN C 371 0.49 -8.44 -37.58
C ASN C 371 1.41 -7.46 -38.31
#